data_7UN0
#
_entry.id   7UN0
#
_cell.length_a   97.078
_cell.length_b   100.045
_cell.length_c   135.375
_cell.angle_alpha   90.000
_cell.angle_beta   90.000
_cell.angle_gamma   90.000
#
_symmetry.space_group_name_H-M   'P 21 21 21'
#
loop_
_entity.id
_entity.type
_entity.pdbx_description
1 polymer 'Dual specificity protein phosphatase 10'
2 non-polymer 1-[(9-chlorobenzo[h]quinazolin-2-yl)sulfanyl]-3,3-dimethylbutan-2-one
#
_entity_poly.entity_id   1
_entity_poly.type   'polypeptide(L)'
_entity_poly.pdbx_seq_one_letter_code
;GSHMAELTPILPFLFLGNEQDAQDLDTMQRLNIGYVINVTTHLPLYHYEKGLFNYKRLPATDSNKQNLRQYFEEAFEFIE
EAHQCGKGLLIHCQAGVSRSATIVIAYLMKHTRMTMTDAYKFVKGKRPIISPNLNFMGQLLEFEEDLNNGVT
;
_entity_poly.pdbx_strand_id   A,B,C,D,E,F
#
loop_
_chem_comp.id
_chem_comp.type
_chem_comp.name
_chem_comp.formula
NV3 non-polymer 1-[(9-chlorobenzo[h]quinazolin-2-yl)sulfanyl]-3,3-dimethylbutan-2-one 'C18 H17 Cl N2 O S'
#
# COMPACT_ATOMS: atom_id res chain seq x y z
N ALA A 5 -37.28 -6.00 7.08
CA ALA A 5 -36.50 -6.53 5.96
C ALA A 5 -35.81 -5.41 5.22
N GLU A 6 -34.48 -5.50 5.12
CA GLU A 6 -33.69 -4.47 4.45
C GLU A 6 -32.28 -4.97 4.12
N LEU A 7 -32.05 -5.35 2.87
CA LEU A 7 -30.74 -5.77 2.41
C LEU A 7 -30.06 -4.58 1.74
N THR A 8 -29.03 -4.04 2.37
CA THR A 8 -28.37 -2.84 1.87
C THR A 8 -27.35 -3.22 0.81
N PRO A 9 -27.51 -2.79 -0.44
CA PRO A 9 -26.54 -3.11 -1.49
C PRO A 9 -25.35 -2.15 -1.47
N ILE A 10 -24.21 -2.67 -1.02
CA ILE A 10 -22.98 -1.88 -1.06
C ILE A 10 -22.43 -1.81 -2.48
N LEU A 11 -22.31 -2.97 -3.12
CA LEU A 11 -21.94 -3.10 -4.52
C LEU A 11 -23.02 -3.90 -5.24
N PRO A 12 -23.07 -3.85 -6.59
CA PRO A 12 -24.11 -4.58 -7.33
C PRO A 12 -24.20 -6.06 -6.97
N PHE A 13 -23.12 -6.61 -6.42
CA PHE A 13 -23.05 -8.01 -6.05
C PHE A 13 -22.82 -8.24 -4.56
N LEU A 14 -22.68 -7.18 -3.77
CA LEU A 14 -22.34 -7.28 -2.35
C LEU A 14 -23.41 -6.60 -1.52
N PHE A 15 -24.04 -7.36 -0.63
CA PHE A 15 -25.15 -6.87 0.18
C PHE A 15 -24.83 -7.00 1.66
N LEU A 16 -25.27 -6.02 2.44
CA LEU A 16 -25.02 -5.95 3.87
C LEU A 16 -26.33 -5.94 4.62
N GLY A 17 -26.40 -6.68 5.72
CA GLY A 17 -27.62 -6.76 6.50
C GLY A 17 -27.34 -7.30 7.89
N ASN A 18 -28.42 -7.42 8.67
CA ASN A 18 -28.36 -7.95 10.02
C ASN A 18 -29.07 -9.31 10.09
N GLU A 19 -29.31 -9.77 11.32
CA GLU A 19 -29.90 -11.09 11.53
C GLU A 19 -31.29 -11.19 10.89
N GLN A 20 -32.12 -10.17 11.07
CA GLN A 20 -33.46 -10.19 10.50
C GLN A 20 -33.44 -10.10 8.98
N ASP A 21 -32.46 -9.38 8.43
CA ASP A 21 -32.36 -9.23 6.98
C ASP A 21 -32.08 -10.55 6.29
N ALA A 22 -31.28 -11.42 6.92
CA ALA A 22 -30.90 -12.67 6.30
C ALA A 22 -32.04 -13.69 6.26
N GLN A 23 -33.16 -13.41 6.93
CA GLN A 23 -34.29 -14.32 6.97
C GLN A 23 -35.35 -14.03 5.92
N ASP A 24 -35.16 -12.99 5.09
CA ASP A 24 -36.12 -12.67 4.04
C ASP A 24 -35.73 -13.46 2.80
N LEU A 25 -36.30 -14.66 2.68
CA LEU A 25 -35.95 -15.56 1.58
C LEU A 25 -36.39 -15.00 0.24
N ASP A 26 -37.57 -14.37 0.20
CA ASP A 26 -38.10 -13.87 -1.07
C ASP A 26 -37.21 -12.77 -1.64
N THR A 27 -36.79 -11.83 -0.78
CA THR A 27 -35.95 -10.72 -1.25
C THR A 27 -34.58 -11.20 -1.71
N MET A 28 -34.00 -12.19 -1.02
CA MET A 28 -32.68 -12.68 -1.42
C MET A 28 -32.70 -13.30 -2.81
N GLN A 29 -33.76 -14.05 -3.13
CA GLN A 29 -33.86 -14.64 -4.46
C GLN A 29 -34.20 -13.59 -5.52
N ARG A 30 -34.93 -12.54 -5.14
CA ARG A 30 -35.20 -11.45 -6.08
C ARG A 30 -33.91 -10.75 -6.49
N LEU A 31 -32.97 -10.60 -5.56
CA LEU A 31 -31.71 -9.91 -5.82
C LEU A 31 -30.63 -10.83 -6.36
N ASN A 32 -30.95 -12.10 -6.65
CA ASN A 32 -30.01 -13.05 -7.24
C ASN A 32 -28.81 -13.29 -6.32
N ILE A 33 -29.07 -13.47 -5.03
CA ILE A 33 -28.02 -13.78 -4.07
C ILE A 33 -27.88 -15.30 -3.97
N GLY A 34 -26.64 -15.78 -4.06
CA GLY A 34 -26.38 -17.20 -3.99
C GLY A 34 -25.33 -17.54 -2.96
N TYR A 35 -24.75 -16.52 -2.34
CA TYR A 35 -23.69 -16.69 -1.36
C TYR A 35 -24.04 -15.90 -0.10
N VAL A 36 -23.77 -16.48 1.06
CA VAL A 36 -24.07 -15.88 2.36
C VAL A 36 -22.86 -16.04 3.27
N ILE A 37 -22.47 -14.97 3.93
CA ILE A 37 -21.43 -15.00 4.95
C ILE A 37 -22.07 -14.64 6.29
N ASN A 38 -22.02 -15.57 7.24
CA ASN A 38 -22.59 -15.39 8.57
C ASN A 38 -21.43 -15.16 9.53
N VAL A 39 -21.35 -13.95 10.07
CA VAL A 39 -20.23 -13.57 10.93
C VAL A 39 -20.66 -13.64 12.39
N THR A 40 -21.22 -14.78 12.78
CA THR A 40 -21.60 -15.03 14.17
C THR A 40 -21.20 -16.44 14.55
N THR A 41 -21.14 -16.69 15.85
CA THR A 41 -20.85 -18.03 16.36
C THR A 41 -22.10 -18.85 16.59
N HIS A 42 -23.21 -18.20 16.96
CA HIS A 42 -24.40 -18.89 17.47
C HIS A 42 -25.59 -18.84 16.53
N LEU A 43 -25.64 -17.89 15.61
CA LEU A 43 -26.79 -17.80 14.71
C LEU A 43 -26.76 -18.94 13.70
N PRO A 44 -27.92 -19.44 13.30
CA PRO A 44 -27.95 -20.49 12.28
C PRO A 44 -27.69 -19.93 10.89
N LEU A 45 -27.31 -20.83 9.98
CA LEU A 45 -27.21 -20.49 8.56
C LEU A 45 -28.62 -20.57 7.99
N TYR A 46 -29.28 -19.42 7.89
CA TYR A 46 -30.68 -19.39 7.52
C TYR A 46 -30.91 -19.97 6.14
N HIS A 47 -31.95 -20.81 6.03
CA HIS A 47 -32.35 -21.46 4.78
C HIS A 47 -31.28 -22.42 4.25
N TYR A 48 -30.45 -22.96 5.15
CA TYR A 48 -29.41 -23.89 4.73
C TYR A 48 -30.01 -25.17 4.14
N GLU A 49 -31.03 -25.72 4.79
CA GLU A 49 -31.59 -27.00 4.36
C GLU A 49 -32.35 -26.91 3.04
N LYS A 50 -32.59 -25.70 2.53
CA LYS A 50 -33.28 -25.55 1.25
C LYS A 50 -32.34 -25.74 0.06
N GLY A 51 -31.02 -25.74 0.29
CA GLY A 51 -30.07 -25.98 -0.77
C GLY A 51 -30.01 -24.91 -1.84
N LEU A 52 -30.27 -23.66 -1.48
CA LEU A 52 -30.31 -22.57 -2.45
C LEU A 52 -29.04 -21.74 -2.47
N PHE A 53 -28.29 -21.69 -1.38
CA PHE A 53 -27.15 -20.80 -1.27
C PHE A 53 -25.91 -21.57 -0.82
N ASN A 54 -24.75 -21.02 -1.14
CA ASN A 54 -23.47 -21.48 -0.61
C ASN A 54 -23.09 -20.63 0.58
N TYR A 55 -22.83 -21.28 1.71
CA TYR A 55 -22.63 -20.59 2.97
C TYR A 55 -21.17 -20.63 3.40
N LYS A 56 -20.77 -19.60 4.15
CA LYS A 56 -19.48 -19.57 4.84
C LYS A 56 -19.69 -18.88 6.17
N ARG A 57 -19.23 -19.50 7.25
CA ARG A 57 -19.38 -18.96 8.59
C ARG A 57 -18.03 -18.47 9.12
N LEU A 58 -18.00 -17.21 9.56
CA LEU A 58 -16.86 -16.65 10.26
C LEU A 58 -17.19 -16.59 11.74
N PRO A 59 -16.77 -17.57 12.54
CA PRO A 59 -17.24 -17.64 13.94
C PRO A 59 -16.64 -16.56 14.81
N ALA A 60 -17.29 -15.41 14.87
CA ALA A 60 -16.81 -14.26 15.61
C ALA A 60 -17.89 -13.76 16.56
N THR A 61 -17.46 -13.06 17.59
CA THR A 61 -18.35 -12.41 18.54
C THR A 61 -18.17 -10.90 18.47
N ASP A 62 -19.17 -10.18 18.96
CA ASP A 62 -19.14 -8.72 18.95
C ASP A 62 -18.56 -8.20 20.27
N SER A 63 -17.27 -8.43 20.42
CA SER A 63 -16.54 -8.04 21.61
C SER A 63 -15.36 -7.15 21.23
N ASN A 64 -14.77 -6.53 22.24
CA ASN A 64 -13.62 -5.67 22.06
C ASN A 64 -12.30 -6.43 22.00
N LYS A 65 -12.34 -7.77 22.05
CA LYS A 65 -11.15 -8.60 21.90
C LYS A 65 -11.17 -9.44 20.63
N GLN A 66 -12.31 -9.51 19.94
CA GLN A 66 -12.43 -10.36 18.76
C GLN A 66 -11.50 -9.87 17.64
N ASN A 67 -10.79 -10.80 17.03
CA ASN A 67 -9.92 -10.51 15.88
C ASN A 67 -10.69 -10.84 14.61
N LEU A 68 -10.92 -9.83 13.77
CA LEU A 68 -11.58 -10.02 12.49
C LEU A 68 -10.61 -10.06 11.31
N ARG A 69 -9.40 -9.50 11.47
CA ARG A 69 -8.41 -9.52 10.40
C ARG A 69 -8.14 -10.93 9.89
N GLN A 70 -8.19 -11.92 10.78
CA GLN A 70 -7.92 -13.30 10.38
C GLN A 70 -8.93 -13.81 9.36
N TYR A 71 -10.15 -13.29 9.38
CA TYR A 71 -11.20 -13.72 8.48
C TYR A 71 -11.26 -12.90 7.20
N PHE A 72 -10.37 -11.93 7.02
CA PHE A 72 -10.45 -11.02 5.88
C PHE A 72 -10.24 -11.77 4.56
N GLU A 73 -9.12 -12.47 4.42
CA GLU A 73 -8.80 -13.11 3.15
C GLU A 73 -9.81 -14.19 2.78
N GLU A 74 -10.29 -14.94 3.78
CA GLU A 74 -11.29 -15.97 3.48
C GLU A 74 -12.57 -15.34 2.94
N ALA A 75 -12.97 -14.20 3.50
CA ALA A 75 -14.19 -13.55 3.05
C ALA A 75 -14.03 -12.90 1.67
N PHE A 76 -12.83 -12.40 1.36
CA PHE A 76 -12.63 -11.72 0.08
C PHE A 76 -12.79 -12.67 -1.08
N GLU A 77 -12.29 -13.90 -0.91
CA GLU A 77 -12.36 -14.93 -1.96
C GLU A 77 -13.81 -15.41 -2.13
N PHE A 78 -14.56 -15.50 -1.04
CA PHE A 78 -15.96 -15.89 -1.15
C PHE A 78 -16.74 -14.82 -1.91
N ILE A 79 -16.39 -13.56 -1.68
CA ILE A 79 -17.02 -12.46 -2.42
C ILE A 79 -16.61 -12.52 -3.89
N GLU A 80 -15.32 -12.72 -4.15
CA GLU A 80 -14.86 -12.83 -5.56
C GLU A 80 -15.59 -14.01 -6.19
N GLU A 81 -15.73 -15.12 -5.47
CA GLU A 81 -16.40 -16.27 -6.05
C GLU A 81 -17.82 -15.92 -6.48
N ALA A 82 -18.54 -15.19 -5.62
CA ALA A 82 -19.88 -14.73 -6.00
C ALA A 82 -19.80 -13.77 -7.17
N HIS A 83 -18.81 -12.87 -7.15
CA HIS A 83 -18.67 -11.89 -8.23
C HIS A 83 -18.37 -12.56 -9.57
N GLN A 84 -17.38 -13.46 -9.59
CA GLN A 84 -16.90 -14.10 -10.84
C GLN A 84 -17.91 -15.04 -11.50
N CYS A 85 -19.00 -15.35 -10.82
CA CYS A 85 -20.01 -16.23 -11.42
C CYS A 85 -21.39 -15.58 -11.43
N GLY A 86 -21.45 -14.26 -11.31
CA GLY A 86 -22.68 -13.52 -11.55
C GLY A 86 -23.74 -13.64 -10.49
N LYS A 87 -23.37 -14.02 -9.27
CA LYS A 87 -24.33 -14.14 -8.18
C LYS A 87 -24.00 -13.11 -7.09
N GLY A 88 -25.02 -12.77 -6.31
CA GLY A 88 -24.85 -11.83 -5.22
C GLY A 88 -24.45 -12.52 -3.92
N LEU A 89 -23.77 -11.77 -3.06
CA LEU A 89 -23.36 -12.26 -1.76
C LEU A 89 -23.96 -11.37 -0.67
N LEU A 90 -24.56 -12.00 0.33
CA LEU A 90 -25.05 -11.31 1.51
C LEU A 90 -24.15 -11.63 2.68
N ILE A 91 -23.66 -10.59 3.36
CA ILE A 91 -22.86 -10.75 4.56
C ILE A 91 -23.60 -10.08 5.71
N HIS A 92 -23.76 -10.80 6.81
CA HIS A 92 -24.59 -10.31 7.90
C HIS A 92 -24.03 -10.80 9.23
N CYS A 93 -24.42 -10.11 10.30
CA CYS A 93 -24.18 -10.58 11.66
C CYS A 93 -25.40 -10.30 12.52
N GLN A 94 -25.30 -9.30 13.40
CA GLN A 94 -26.43 -8.94 14.26
C GLN A 94 -26.79 -7.47 14.13
N ALA A 95 -27.53 -6.94 15.11
CA ALA A 95 -28.24 -5.67 14.94
C ALA A 95 -27.31 -4.53 14.55
N GLY A 96 -26.15 -4.45 15.18
CA GLY A 96 -25.27 -3.31 14.96
C GLY A 96 -24.41 -3.36 13.72
N VAL A 97 -24.47 -4.46 12.96
CA VAL A 97 -23.64 -4.74 11.79
C VAL A 97 -22.19 -4.29 11.97
N SER A 98 -21.69 -4.31 13.21
CA SER A 98 -20.30 -3.96 13.45
C SER A 98 -19.36 -4.94 12.77
N ARG A 99 -19.58 -6.24 12.98
CA ARG A 99 -18.69 -7.24 12.42
C ARG A 99 -18.77 -7.26 10.89
N SER A 100 -19.99 -7.30 10.35
CA SER A 100 -20.15 -7.45 8.91
C SER A 100 -19.69 -6.20 8.16
N ALA A 101 -19.97 -5.01 8.70
CA ALA A 101 -19.50 -3.79 8.06
C ALA A 101 -17.99 -3.69 8.06
N THR A 102 -17.33 -4.22 9.10
CA THR A 102 -15.88 -4.22 9.14
C THR A 102 -15.31 -5.03 7.96
N ILE A 103 -15.90 -6.19 7.68
CA ILE A 103 -15.44 -7.02 6.58
C ILE A 103 -15.67 -6.31 5.25
N VAL A 104 -16.85 -5.70 5.08
CA VAL A 104 -17.15 -4.99 3.84
C VAL A 104 -16.18 -3.84 3.62
N ILE A 105 -15.94 -3.06 4.68
CA ILE A 105 -14.99 -1.94 4.58
C ILE A 105 -13.61 -2.45 4.19
N ALA A 106 -13.19 -3.57 4.78
CA ALA A 106 -11.89 -4.16 4.43
C ALA A 106 -11.84 -4.56 2.96
N TYR A 107 -12.94 -5.12 2.44
CA TYR A 107 -12.96 -5.52 1.03
C TYR A 107 -12.81 -4.33 0.10
N LEU A 108 -13.49 -3.22 0.42
CA LEU A 108 -13.39 -2.03 -0.41
C LEU A 108 -11.98 -1.46 -0.42
N MET A 109 -11.24 -1.63 0.68
CA MET A 109 -9.86 -1.14 0.73
C MET A 109 -8.94 -1.98 -0.14
N LYS A 110 -9.02 -3.30 -0.03
CA LYS A 110 -8.08 -4.17 -0.74
C LYS A 110 -8.37 -4.21 -2.24
N HIS A 111 -9.63 -4.40 -2.61
CA HIS A 111 -9.98 -4.69 -4.00
C HIS A 111 -10.46 -3.47 -4.77
N THR A 112 -11.25 -2.58 -4.16
CA THR A 112 -11.70 -1.38 -4.85
C THR A 112 -10.73 -0.22 -4.70
N ARG A 113 -9.62 -0.40 -3.98
CA ARG A 113 -8.52 0.55 -3.86
C ARG A 113 -8.92 1.82 -3.13
N MET A 114 -10.00 1.79 -2.35
CA MET A 114 -10.39 2.96 -1.57
C MET A 114 -9.57 3.05 -0.28
N THR A 115 -9.46 4.27 0.24
CA THR A 115 -8.86 4.47 1.55
C THR A 115 -9.84 4.05 2.65
N MET A 116 -9.28 3.85 3.85
CA MET A 116 -10.09 3.39 4.98
C MET A 116 -11.20 4.38 5.32
N THR A 117 -10.88 5.68 5.36
CA THR A 117 -11.88 6.68 5.67
C THR A 117 -12.97 6.73 4.61
N ASP A 118 -12.57 6.78 3.34
CA ASP A 118 -13.55 6.85 2.25
C ASP A 118 -14.45 5.62 2.24
N ALA A 119 -13.89 4.45 2.56
CA ALA A 119 -14.68 3.23 2.56
C ALA A 119 -15.77 3.27 3.63
N TYR A 120 -15.44 3.81 4.82
CA TYR A 120 -16.45 3.97 5.86
C TYR A 120 -17.52 4.95 5.41
N LYS A 121 -17.12 6.08 4.82
CA LYS A 121 -18.06 7.05 4.31
C LYS A 121 -18.98 6.43 3.27
N PHE A 122 -18.43 5.54 2.43
CA PHE A 122 -19.22 4.88 1.41
C PHE A 122 -20.28 3.99 2.03
N VAL A 123 -19.88 3.13 2.97
CA VAL A 123 -20.83 2.21 3.59
C VAL A 123 -21.80 2.96 4.49
N LYS A 124 -21.30 3.90 5.29
CA LYS A 124 -22.17 4.67 6.19
C LYS A 124 -23.24 5.43 5.41
N GLY A 125 -22.94 5.83 4.18
CA GLY A 125 -23.94 6.51 3.38
C GLY A 125 -25.09 5.62 2.98
N LYS A 126 -24.82 4.34 2.76
CA LYS A 126 -25.86 3.38 2.38
C LYS A 126 -26.47 2.65 3.57
N ARG A 127 -25.70 2.42 4.63
CA ARG A 127 -26.19 1.77 5.85
C ARG A 127 -26.05 2.74 7.01
N PRO A 128 -27.12 3.48 7.34
CA PRO A 128 -26.98 4.58 8.30
C PRO A 128 -26.64 4.16 9.72
N ILE A 129 -27.07 2.99 10.17
CA ILE A 129 -26.88 2.58 11.55
C ILE A 129 -25.77 1.55 11.61
N ILE A 130 -24.63 1.94 12.17
CA ILE A 130 -23.48 1.05 12.37
C ILE A 130 -22.97 1.29 13.79
N SER A 131 -22.96 0.23 14.61
CA SER A 131 -22.54 0.37 15.99
C SER A 131 -21.03 0.54 16.07
N PRO A 132 -20.54 1.34 17.02
CA PRO A 132 -19.09 1.60 17.09
C PRO A 132 -18.34 0.47 17.78
N ASN A 133 -17.12 0.23 17.29
CA ASN A 133 -16.22 -0.74 17.92
C ASN A 133 -14.79 -0.26 17.67
N LEU A 134 -14.18 0.32 18.70
CA LEU A 134 -12.82 0.84 18.55
C LEU A 134 -11.82 -0.27 18.21
N ASN A 135 -12.05 -1.49 18.72
CA ASN A 135 -11.15 -2.60 18.41
C ASN A 135 -11.14 -2.90 16.93
N PHE A 136 -12.31 -2.91 16.29
CA PHE A 136 -12.36 -3.18 14.85
C PHE A 136 -11.76 -2.01 14.06
N MET A 137 -11.97 -0.78 14.53
CA MET A 137 -11.35 0.37 13.91
C MET A 137 -9.83 0.27 13.94
N GLY A 138 -9.28 -0.13 15.09
CA GLY A 138 -7.84 -0.31 15.18
C GLY A 138 -7.32 -1.35 14.21
N GLN A 139 -8.10 -2.42 14.01
CA GLN A 139 -7.68 -3.46 13.07
C GLN A 139 -7.74 -2.97 11.64
N LEU A 140 -8.77 -2.19 11.30
CA LEU A 140 -8.83 -1.60 9.96
C LEU A 140 -7.70 -0.61 9.74
N LEU A 141 -7.36 0.16 10.77
CA LEU A 141 -6.25 1.12 10.66
C LEU A 141 -4.93 0.39 10.44
N GLU A 142 -4.70 -0.68 11.21
CA GLU A 142 -3.50 -1.48 11.01
C GLU A 142 -3.51 -2.21 9.67
N PHE A 143 -4.71 -2.56 9.17
CA PHE A 143 -4.82 -3.21 7.87
C PHE A 143 -4.46 -2.25 6.75
N GLU A 144 -4.80 -0.97 6.89
CA GLU A 144 -4.43 0.02 5.88
C GLU A 144 -2.91 0.20 5.82
N GLU A 145 -2.23 0.12 6.96
CA GLU A 145 -0.78 0.19 6.97
C GLU A 145 -0.14 -0.91 6.11
N ASP A 146 -0.66 -2.13 6.22
CA ASP A 146 -0.07 -3.24 5.48
C ASP A 146 -0.34 -3.15 3.99
N LEU A 147 -1.49 -2.60 3.60
CA LEU A 147 -1.78 -2.44 2.18
C LEU A 147 -0.85 -1.43 1.54
N ASN A 148 -0.63 -0.29 2.20
CA ASN A 148 0.20 0.76 1.63
C ASN A 148 1.67 0.35 1.55
N ASN A 149 2.12 -0.52 2.44
CA ASN A 149 3.52 -0.95 2.49
C ASN A 149 3.79 -2.20 1.66
N GLY A 150 2.81 -2.72 0.95
CA GLY A 150 3.01 -3.91 0.15
C GLY A 150 3.23 -5.18 0.94
N VAL A 151 2.70 -5.25 2.16
CA VAL A 151 2.80 -6.47 2.95
C VAL A 151 1.64 -7.41 2.67
N THR A 152 0.43 -6.87 2.49
CA THR A 152 -0.72 -7.68 2.11
C THR A 152 -1.51 -7.01 0.99
N LEU B 7 -10.14 -29.79 -6.49
CA LEU B 7 -8.76 -29.83 -6.93
C LEU B 7 -8.70 -29.96 -8.46
N THR B 8 -8.29 -28.87 -9.11
CA THR B 8 -8.28 -28.78 -10.57
C THR B 8 -6.98 -29.32 -11.16
N PRO B 9 -7.03 -30.36 -12.00
CA PRO B 9 -5.83 -30.80 -12.73
C PRO B 9 -5.63 -29.94 -13.96
N ILE B 10 -4.58 -29.11 -13.94
CA ILE B 10 -4.27 -28.28 -15.10
C ILE B 10 -3.68 -29.12 -16.21
N LEU B 11 -2.68 -29.94 -15.90
CA LEU B 11 -2.14 -30.95 -16.77
C LEU B 11 -2.26 -32.29 -16.07
N PRO B 12 -2.16 -33.41 -16.80
CA PRO B 12 -2.34 -34.73 -16.17
C PRO B 12 -1.44 -34.97 -14.96
N PHE B 13 -0.33 -34.24 -14.86
CA PHE B 13 0.60 -34.40 -13.75
C PHE B 13 0.74 -33.13 -12.92
N LEU B 14 0.05 -32.05 -13.30
CA LEU B 14 0.20 -30.75 -12.67
C LEU B 14 -1.15 -30.34 -12.11
N PHE B 15 -1.21 -30.11 -10.81
CA PHE B 15 -2.46 -29.85 -10.11
C PHE B 15 -2.41 -28.51 -9.41
N LEU B 16 -3.54 -27.82 -9.41
CA LEU B 16 -3.69 -26.51 -8.79
C LEU B 16 -4.74 -26.62 -7.70
N GLY B 17 -4.47 -26.01 -6.56
CA GLY B 17 -5.39 -26.11 -5.44
C GLY B 17 -5.11 -25.04 -4.41
N ASN B 18 -5.91 -25.06 -3.36
CA ASN B 18 -5.80 -24.11 -2.26
C ASN B 18 -5.31 -24.81 -0.99
N GLU B 19 -5.39 -24.08 0.13
CA GLU B 19 -4.91 -24.60 1.41
C GLU B 19 -5.68 -25.85 1.82
N GLN B 20 -7.00 -25.83 1.68
CA GLN B 20 -7.80 -26.98 2.08
C GLN B 20 -7.56 -28.18 1.18
N ASP B 21 -7.30 -27.95 -0.12
CA ASP B 21 -6.99 -29.06 -1.00
C ASP B 21 -5.66 -29.71 -0.65
N ALA B 22 -4.69 -28.92 -0.19
CA ALA B 22 -3.37 -29.45 0.13
C ALA B 22 -3.36 -30.26 1.43
N GLN B 23 -4.44 -30.24 2.19
CA GLN B 23 -4.53 -30.98 3.44
C GLN B 23 -5.22 -32.33 3.27
N ASP B 24 -5.70 -32.64 2.06
CA ASP B 24 -6.38 -33.89 1.77
C ASP B 24 -5.33 -34.92 1.36
N LEU B 25 -4.82 -35.67 2.33
CA LEU B 25 -3.75 -36.62 2.07
C LEU B 25 -4.21 -37.76 1.16
N ASP B 26 -5.44 -38.23 1.33
CA ASP B 26 -5.93 -39.35 0.53
C ASP B 26 -6.03 -39.00 -0.94
N THR B 27 -6.55 -37.81 -1.26
CA THR B 27 -6.71 -37.41 -2.65
C THR B 27 -5.36 -37.28 -3.35
N MET B 28 -4.35 -36.77 -2.63
CA MET B 28 -3.03 -36.60 -3.22
C MET B 28 -2.41 -37.94 -3.61
N GLN B 29 -2.58 -38.96 -2.77
CA GLN B 29 -2.04 -40.27 -3.10
C GLN B 29 -2.87 -40.97 -4.18
N ARG B 30 -4.18 -40.72 -4.21
CA ARG B 30 -5.00 -41.27 -5.28
C ARG B 30 -4.57 -40.71 -6.63
N LEU B 31 -4.16 -39.45 -6.66
CA LEU B 31 -3.71 -38.80 -7.88
C LEU B 31 -2.21 -38.99 -8.13
N ASN B 32 -1.54 -39.78 -7.28
CA ASN B 32 -0.12 -40.11 -7.45
C ASN B 32 0.75 -38.84 -7.39
N ILE B 33 0.47 -37.99 -6.41
CA ILE B 33 1.20 -36.75 -6.22
C ILE B 33 2.40 -37.02 -5.29
N GLY B 34 3.58 -36.56 -5.70
CA GLY B 34 4.77 -36.73 -4.90
C GLY B 34 5.56 -35.46 -4.67
N TYR B 35 5.14 -34.36 -5.31
CA TYR B 35 5.82 -33.09 -5.22
C TYR B 35 4.81 -32.01 -4.87
N VAL B 36 5.22 -31.08 -4.01
CA VAL B 36 4.35 -30.00 -3.54
C VAL B 36 5.12 -28.69 -3.59
N ILE B 37 4.48 -27.66 -4.14
CA ILE B 37 5.01 -26.30 -4.14
C ILE B 37 4.08 -25.44 -3.31
N ASN B 38 4.60 -24.87 -2.23
CA ASN B 38 3.83 -24.04 -1.31
C ASN B 38 4.24 -22.60 -1.57
N VAL B 39 3.31 -21.80 -2.11
CA VAL B 39 3.61 -20.43 -2.49
C VAL B 39 3.10 -19.48 -1.41
N THR B 40 3.45 -19.76 -0.15
CA THR B 40 3.10 -18.90 0.97
C THR B 40 4.28 -18.80 1.91
N THR B 41 4.23 -17.78 2.77
CA THR B 41 5.23 -17.61 3.82
C THR B 41 4.83 -18.29 5.12
N HIS B 42 3.53 -18.36 5.41
CA HIS B 42 3.06 -18.72 6.74
C HIS B 42 2.42 -20.09 6.82
N LEU B 43 1.95 -20.65 5.72
CA LEU B 43 1.31 -21.96 5.79
C LEU B 43 2.37 -23.04 6.05
N PRO B 44 2.02 -24.07 6.81
CA PRO B 44 2.97 -25.15 7.05
C PRO B 44 3.10 -26.05 5.84
N LEU B 45 4.20 -26.80 5.81
CA LEU B 45 4.36 -27.86 4.81
C LEU B 45 3.56 -29.05 5.32
N TYR B 46 2.32 -29.18 4.85
CA TYR B 46 1.43 -30.20 5.36
C TYR B 46 1.99 -31.60 5.09
N HIS B 47 1.90 -32.45 6.12
CA HIS B 47 2.35 -33.84 6.07
C HIS B 47 3.87 -33.95 5.90
N TYR B 48 4.61 -32.92 6.32
CA TYR B 48 6.07 -32.98 6.27
C TYR B 48 6.60 -34.09 7.18
N GLU B 49 6.00 -34.24 8.35
CA GLU B 49 6.44 -35.21 9.33
C GLU B 49 6.25 -36.65 8.87
N LYS B 50 5.47 -36.88 7.82
CA LYS B 50 5.25 -38.22 7.29
C LYS B 50 6.29 -38.67 6.28
N GLY B 51 7.11 -37.78 5.76
CA GLY B 51 8.15 -38.18 4.83
C GLY B 51 7.64 -38.72 3.53
N LEU B 52 6.49 -38.24 3.05
CA LEU B 52 5.85 -38.78 1.86
C LEU B 52 6.10 -37.96 0.60
N PHE B 53 6.35 -36.66 0.72
CA PHE B 53 6.46 -35.79 -0.44
C PHE B 53 7.75 -34.99 -0.41
N ASN B 54 8.17 -34.54 -1.59
CA ASN B 54 9.26 -33.60 -1.76
C ASN B 54 8.68 -32.20 -1.85
N TYR B 55 9.15 -31.29 -1.00
CA TYR B 55 8.57 -29.96 -0.86
C TYR B 55 9.50 -28.89 -1.42
N LYS B 56 8.89 -27.81 -1.90
CA LYS B 56 9.60 -26.58 -2.22
C LYS B 56 8.70 -25.42 -1.83
N ARG B 57 9.25 -24.47 -1.08
CA ARG B 57 8.49 -23.32 -0.61
C ARG B 57 8.94 -22.07 -1.36
N LEU B 58 7.99 -21.37 -1.97
CA LEU B 58 8.24 -20.07 -2.57
C LEU B 58 7.65 -19.01 -1.65
N PRO B 59 8.45 -18.38 -0.78
CA PRO B 59 7.88 -17.50 0.24
C PRO B 59 7.36 -16.19 -0.33
N ALA B 60 6.10 -16.18 -0.75
CA ALA B 60 5.51 -15.02 -1.39
C ALA B 60 4.23 -14.63 -0.66
N THR B 61 3.85 -13.37 -0.80
CA THR B 61 2.62 -12.84 -0.25
C THR B 61 1.70 -12.38 -1.39
N ASP B 62 0.42 -12.24 -1.06
CA ASP B 62 -0.58 -11.78 -2.03
C ASP B 62 -0.72 -10.27 -1.91
N SER B 63 0.34 -9.58 -2.33
CA SER B 63 0.44 -8.14 -2.24
C SER B 63 0.73 -7.55 -3.62
N ASN B 64 0.62 -6.23 -3.71
CA ASN B 64 0.87 -5.50 -4.95
C ASN B 64 2.35 -5.23 -5.19
N LYS B 65 3.24 -5.65 -4.29
CA LYS B 65 4.67 -5.47 -4.47
C LYS B 65 5.46 -6.77 -4.56
N GLN B 66 4.84 -7.91 -4.27
CA GLN B 66 5.57 -9.18 -4.24
C GLN B 66 6.12 -9.55 -5.60
N ASN B 67 7.36 -10.02 -5.62
CA ASN B 67 8.02 -10.47 -6.84
C ASN B 67 7.85 -11.99 -6.96
N LEU B 68 7.15 -12.43 -8.01
CA LEU B 68 7.03 -13.84 -8.33
C LEU B 68 7.92 -14.29 -9.48
N ARG B 69 8.35 -13.36 -10.34
CA ARG B 69 9.24 -13.72 -11.44
C ARG B 69 10.51 -14.39 -10.96
N GLN B 70 11.03 -13.98 -9.79
CA GLN B 70 12.27 -14.57 -9.29
C GLN B 70 12.12 -16.06 -9.01
N TYR B 71 10.90 -16.52 -8.69
CA TYR B 71 10.67 -17.91 -8.37
C TYR B 71 10.27 -18.75 -9.58
N PHE B 72 10.22 -18.16 -10.77
CA PHE B 72 9.77 -18.88 -11.95
C PHE B 72 10.71 -20.03 -12.29
N GLU B 73 12.00 -19.71 -12.47
CA GLU B 73 12.98 -20.72 -12.88
C GLU B 73 13.11 -21.81 -11.82
N GLU B 74 13.08 -21.42 -10.54
CA GLU B 74 13.17 -22.40 -9.46
C GLU B 74 11.99 -23.36 -9.48
N ALA B 75 10.79 -22.85 -9.77
CA ALA B 75 9.61 -23.72 -9.81
C ALA B 75 9.59 -24.60 -11.04
N PHE B 76 10.09 -24.08 -12.18
CA PHE B 76 10.08 -24.88 -13.40
C PHE B 76 10.99 -26.09 -13.27
N GLU B 77 12.11 -25.95 -12.56
CA GLU B 77 13.00 -27.08 -12.34
C GLU B 77 12.32 -28.15 -11.49
N PHE B 78 11.54 -27.72 -10.50
CA PHE B 78 10.82 -28.66 -9.64
C PHE B 78 9.72 -29.38 -10.41
N ILE B 79 9.00 -28.67 -11.29
CA ILE B 79 7.92 -29.29 -12.04
C ILE B 79 8.46 -30.33 -13.00
N GLU B 80 9.53 -29.99 -13.75
CA GLU B 80 10.12 -30.95 -14.67
C GLU B 80 10.65 -32.18 -13.93
N GLU B 81 11.10 -32.01 -12.69
CA GLU B 81 11.57 -33.14 -11.90
C GLU B 81 10.42 -34.11 -11.62
N ALA B 82 9.24 -33.57 -11.26
CA ALA B 82 8.08 -34.42 -11.03
C ALA B 82 7.67 -35.13 -12.32
N HIS B 83 7.73 -34.41 -13.45
CA HIS B 83 7.37 -35.00 -14.73
C HIS B 83 8.28 -36.17 -15.09
N GLN B 84 9.59 -35.96 -14.97
CA GLN B 84 10.57 -36.93 -15.45
C GLN B 84 10.66 -38.19 -14.60
N CYS B 85 9.91 -38.29 -13.49
CA CYS B 85 9.87 -39.53 -12.72
C CYS B 85 8.44 -40.02 -12.49
N GLY B 86 7.48 -39.55 -13.28
CA GLY B 86 6.16 -40.15 -13.27
C GLY B 86 5.31 -39.83 -12.06
N LYS B 87 5.61 -38.76 -11.35
CA LYS B 87 4.85 -38.37 -10.18
C LYS B 87 4.12 -37.06 -10.43
N GLY B 88 3.04 -36.84 -9.69
CA GLY B 88 2.27 -35.62 -9.82
C GLY B 88 2.80 -34.53 -8.89
N LEU B 89 2.56 -33.29 -9.30
CA LEU B 89 2.95 -32.12 -8.51
C LEU B 89 1.71 -31.29 -8.20
N LEU B 90 1.57 -30.94 -6.93
CA LEU B 90 0.52 -30.03 -6.48
C LEU B 90 1.15 -28.70 -6.11
N ILE B 91 0.63 -27.62 -6.67
CA ILE B 91 1.06 -26.27 -6.33
C ILE B 91 -0.14 -25.53 -5.74
N HIS B 92 0.07 -24.90 -4.59
CA HIS B 92 -1.03 -24.31 -3.85
C HIS B 92 -0.54 -23.06 -3.13
N CYS B 93 -1.51 -22.23 -2.75
CA CYS B 93 -1.27 -21.10 -1.85
C CYS B 93 -2.44 -21.05 -0.88
N GLN B 94 -3.35 -20.10 -1.06
CA GLN B 94 -4.52 -20.05 -0.20
C GLN B 94 -5.79 -20.15 -1.04
N ALA B 95 -6.93 -19.77 -0.47
CA ALA B 95 -8.22 -20.11 -1.05
C ALA B 95 -8.37 -19.60 -2.48
N GLY B 96 -7.88 -18.39 -2.71
CA GLY B 96 -8.13 -17.75 -4.00
C GLY B 96 -7.18 -18.09 -5.14
N VAL B 97 -6.20 -19.01 -4.96
CA VAL B 97 -5.19 -19.46 -5.93
C VAL B 97 -4.61 -18.33 -6.77
N SER B 98 -4.37 -17.13 -6.22
CA SER B 98 -3.86 -16.02 -7.06
C SER B 98 -2.39 -16.30 -7.30
N ARG B 99 -1.68 -16.59 -6.22
CA ARG B 99 -0.25 -16.79 -6.39
C ARG B 99 0.04 -18.04 -7.22
N SER B 100 -0.60 -19.16 -6.88
CA SER B 100 -0.27 -20.44 -7.51
C SER B 100 -0.66 -20.47 -8.97
N ALA B 101 -1.79 -19.85 -9.33
CA ALA B 101 -2.20 -19.81 -10.73
C ALA B 101 -1.18 -19.05 -11.59
N THR B 102 -0.55 -18.02 -11.01
CA THR B 102 0.46 -17.28 -11.75
C THR B 102 1.63 -18.18 -12.15
N ILE B 103 2.08 -19.04 -11.24
CA ILE B 103 3.19 -19.94 -11.56
C ILE B 103 2.78 -20.93 -12.64
N VAL B 104 1.57 -21.48 -12.53
CA VAL B 104 1.09 -22.44 -13.53
C VAL B 104 0.98 -21.77 -14.90
N ILE B 105 0.40 -20.57 -14.94
CA ILE B 105 0.30 -19.83 -16.20
C ILE B 105 1.68 -19.57 -16.77
N ALA B 106 2.64 -19.21 -15.92
CA ALA B 106 4.01 -18.99 -16.38
C ALA B 106 4.60 -20.27 -16.96
N TYR B 107 4.32 -21.42 -16.34
CA TYR B 107 4.84 -22.68 -16.85
C TYR B 107 4.27 -23.01 -18.22
N LEU B 108 2.97 -22.79 -18.41
CA LEU B 108 2.35 -23.07 -19.70
C LEU B 108 2.89 -22.17 -20.80
N MET B 109 3.29 -20.95 -20.46
CA MET B 109 3.88 -20.06 -21.46
C MET B 109 5.26 -20.55 -21.87
N LYS B 110 6.09 -20.95 -20.89
CA LYS B 110 7.47 -21.32 -21.19
C LYS B 110 7.54 -22.65 -21.92
N HIS B 111 6.83 -23.66 -21.42
CA HIS B 111 6.99 -25.02 -21.91
C HIS B 111 5.94 -25.45 -22.93
N THR B 112 4.68 -25.08 -22.77
CA THR B 112 3.68 -25.43 -23.77
C THR B 112 3.56 -24.39 -24.87
N ARG B 113 4.33 -23.31 -24.79
CA ARG B 113 4.46 -22.28 -25.83
C ARG B 113 3.17 -21.48 -26.04
N MET B 114 2.28 -21.45 -25.06
CA MET B 114 1.07 -20.65 -25.20
C MET B 114 1.37 -19.18 -24.91
N THR B 115 0.55 -18.31 -25.47
CA THR B 115 0.63 -16.89 -25.13
C THR B 115 0.04 -16.64 -23.75
N MET B 116 0.36 -15.47 -23.19
CA MET B 116 -0.13 -15.13 -21.85
C MET B 116 -1.64 -15.15 -21.78
N THR B 117 -2.30 -14.57 -22.78
CA THR B 117 -3.77 -14.58 -22.81
C THR B 117 -4.30 -16.00 -22.95
N ASP B 118 -3.76 -16.76 -23.91
CA ASP B 118 -4.23 -18.13 -24.13
C ASP B 118 -4.02 -18.99 -22.90
N ALA B 119 -2.88 -18.83 -22.21
CA ALA B 119 -2.60 -19.62 -21.03
C ALA B 119 -3.59 -19.32 -19.91
N TYR B 120 -3.93 -18.04 -19.72
CA TYR B 120 -4.93 -17.67 -18.72
C TYR B 120 -6.28 -18.26 -19.06
N LYS B 121 -6.69 -18.16 -20.34
CA LYS B 121 -7.95 -18.76 -20.77
C LYS B 121 -7.96 -20.26 -20.51
N PHE B 122 -6.81 -20.92 -20.70
CA PHE B 122 -6.71 -22.36 -20.46
C PHE B 122 -6.92 -22.68 -18.98
N VAL B 123 -6.21 -21.99 -18.09
CA VAL B 123 -6.35 -22.24 -16.66
C VAL B 123 -7.73 -21.82 -16.17
N LYS B 124 -8.20 -20.66 -16.62
CA LYS B 124 -9.53 -20.17 -16.22
C LYS B 124 -10.62 -21.15 -16.62
N GLY B 125 -10.42 -21.91 -17.71
CA GLY B 125 -11.40 -22.88 -18.13
C GLY B 125 -11.50 -24.07 -17.19
N LYS B 126 -10.38 -24.48 -16.59
CA LYS B 126 -10.39 -25.60 -15.66
C LYS B 126 -10.58 -25.17 -14.22
N ARG B 127 -10.10 -23.98 -13.85
CA ARG B 127 -10.27 -23.42 -12.51
C ARG B 127 -11.06 -22.14 -12.70
N PRO B 128 -12.38 -22.20 -12.58
CA PRO B 128 -13.20 -21.04 -12.99
C PRO B 128 -12.99 -19.81 -12.13
N ILE B 129 -12.65 -20.00 -10.86
CA ILE B 129 -12.52 -18.80 -9.98
C ILE B 129 -11.06 -18.51 -9.65
N ILE B 130 -10.52 -17.44 -10.23
CA ILE B 130 -9.13 -17.00 -9.96
C ILE B 130 -9.21 -15.54 -9.51
N SER B 131 -8.74 -15.22 -8.31
CA SER B 131 -8.78 -13.82 -7.85
C SER B 131 -7.79 -13.00 -8.65
N PRO B 132 -8.15 -11.76 -9.05
CA PRO B 132 -7.25 -10.90 -9.81
C PRO B 132 -6.17 -10.22 -8.97
N ASN B 133 -4.97 -10.09 -9.55
CA ASN B 133 -3.84 -9.39 -8.93
C ASN B 133 -3.15 -8.64 -10.07
N LEU B 134 -3.22 -7.32 -10.05
CA LEU B 134 -2.65 -6.50 -11.13
C LEU B 134 -1.14 -6.59 -11.16
N ASN B 135 -0.49 -6.74 -10.00
CA ASN B 135 0.96 -6.85 -9.98
C ASN B 135 1.44 -8.12 -10.69
N PHE B 136 0.75 -9.24 -10.46
CA PHE B 136 1.14 -10.50 -11.09
C PHE B 136 0.87 -10.48 -12.59
N MET B 137 -0.22 -9.83 -13.01
CA MET B 137 -0.49 -9.70 -14.43
C MET B 137 0.64 -8.98 -15.15
N GLY B 138 1.15 -7.90 -14.57
CA GLY B 138 2.27 -7.19 -15.16
C GLY B 138 3.51 -8.06 -15.28
N GLN B 139 3.75 -8.91 -14.28
CA GLN B 139 4.93 -9.78 -14.32
C GLN B 139 4.79 -10.86 -15.40
N LEU B 140 3.58 -11.41 -15.57
CA LEU B 140 3.37 -12.36 -16.65
C LEU B 140 3.52 -11.70 -18.01
N LEU B 141 3.05 -10.46 -18.14
CA LEU B 141 3.22 -9.72 -19.39
C LEU B 141 4.69 -9.44 -19.66
N GLU B 142 5.43 -9.04 -18.62
CA GLU B 142 6.87 -8.83 -18.77
C GLU B 142 7.58 -10.15 -19.07
N PHE B 143 7.07 -11.27 -18.56
CA PHE B 143 7.66 -12.57 -18.85
C PHE B 143 7.41 -12.98 -20.30
N GLU B 144 6.24 -12.64 -20.85
CA GLU B 144 5.96 -12.95 -22.24
C GLU B 144 6.89 -12.19 -23.17
N GLU B 145 7.18 -10.92 -22.85
CA GLU B 145 8.14 -10.16 -23.64
C GLU B 145 9.52 -10.80 -23.62
N ASP B 146 9.95 -11.27 -22.45
CA ASP B 146 11.28 -11.86 -22.33
C ASP B 146 11.38 -13.21 -23.03
N LEU B 147 10.29 -13.98 -23.04
CA LEU B 147 10.30 -15.26 -23.76
C LEU B 147 10.45 -15.05 -25.25
N ASN B 148 9.73 -14.07 -25.81
CA ASN B 148 9.78 -13.83 -27.24
C ASN B 148 11.15 -13.35 -27.70
N ASN B 149 11.90 -12.69 -26.82
CA ASN B 149 13.22 -12.17 -27.14
C ASN B 149 14.34 -13.14 -26.79
N GLY B 150 14.02 -14.34 -26.32
CA GLY B 150 15.02 -15.32 -25.96
C GLY B 150 15.86 -14.98 -24.75
N VAL B 151 15.33 -14.19 -23.82
CA VAL B 151 16.08 -13.84 -22.62
C VAL B 151 15.52 -14.59 -21.42
N GLU C 6 6.73 -21.51 28.22
CA GLU C 6 7.76 -20.77 28.93
C GLU C 6 8.73 -20.12 27.95
N LEU C 7 8.50 -18.86 27.63
CA LEU C 7 9.39 -18.09 26.78
C LEU C 7 10.58 -17.63 27.61
N THR C 8 11.76 -18.18 27.31
CA THR C 8 12.94 -17.89 28.12
C THR C 8 13.54 -16.56 27.67
N PRO C 9 13.61 -15.56 28.56
CA PRO C 9 14.22 -14.27 28.17
C PRO C 9 15.73 -14.34 28.28
N ILE C 10 16.40 -14.37 27.12
CA ILE C 10 17.86 -14.35 27.10
C ILE C 10 18.35 -12.94 27.40
N LEU C 11 17.80 -11.95 26.69
CA LEU C 11 17.99 -10.54 26.94
C LEU C 11 16.62 -9.91 27.17
N PRO C 12 16.56 -8.71 27.77
CA PRO C 12 15.25 -8.09 28.06
C PRO C 12 14.32 -7.99 26.86
N PHE C 13 14.88 -8.03 25.65
CA PHE C 13 14.11 -7.92 24.42
C PHE C 13 14.21 -9.15 23.54
N LEU C 14 14.98 -10.17 23.94
CA LEU C 14 15.22 -11.35 23.12
C LEU C 14 14.77 -12.59 23.88
N PHE C 15 13.84 -13.34 23.30
CA PHE C 15 13.24 -14.48 23.94
C PHE C 15 13.46 -15.74 23.10
N LEU C 16 13.69 -16.86 23.78
CA LEU C 16 13.95 -18.14 23.14
C LEU C 16 12.90 -19.16 23.57
N GLY C 17 12.45 -19.96 22.62
CA GLY C 17 11.42 -20.95 22.90
C GLY C 17 11.36 -21.99 21.80
N ASN C 18 10.45 -22.95 21.97
CA ASN C 18 10.23 -24.01 21.01
C ASN C 18 8.88 -23.83 20.31
N GLU C 19 8.44 -24.89 19.62
CA GLU C 19 7.21 -24.82 18.84
C GLU C 19 6.00 -24.52 19.71
N GLN C 20 5.88 -25.20 20.86
CA GLN C 20 4.73 -25.00 21.72
C GLN C 20 4.73 -23.60 22.35
N ASP C 21 5.91 -23.06 22.64
CA ASP C 21 5.98 -21.72 23.21
C ASP C 21 5.49 -20.66 22.24
N ALA C 22 5.75 -20.85 20.95
CA ALA C 22 5.38 -19.85 19.94
C ALA C 22 3.89 -19.81 19.67
N GLN C 23 3.11 -20.76 20.20
CA GLN C 23 1.67 -20.80 19.98
C GLN C 23 0.89 -20.14 21.10
N ASP C 24 1.56 -19.64 22.13
CA ASP C 24 0.90 -18.99 23.27
C ASP C 24 0.76 -17.51 22.95
N LEU C 25 -0.39 -17.14 22.37
CA LEU C 25 -0.59 -15.75 21.95
C LEU C 25 -0.66 -14.80 23.14
N ASP C 26 -1.29 -15.23 24.23
CA ASP C 26 -1.44 -14.35 25.40
C ASP C 26 -0.09 -14.03 26.03
N THR C 27 0.78 -15.04 26.20
CA THR C 27 2.09 -14.78 26.81
C THR C 27 2.92 -13.85 25.94
N MET C 28 2.85 -14.02 24.62
CA MET C 28 3.60 -13.17 23.72
C MET C 28 3.17 -11.71 23.82
N GLN C 29 1.85 -11.48 23.94
CA GLN C 29 1.35 -10.12 24.05
C GLN C 29 1.61 -9.52 25.43
N ARG C 30 1.60 -10.36 26.48
CA ARG C 30 1.93 -9.88 27.81
C ARG C 30 3.38 -9.43 27.89
N LEU C 31 4.28 -10.12 27.19
CA LEU C 31 5.70 -9.81 27.19
C LEU C 31 6.08 -8.77 26.15
N ASN C 32 5.10 -8.18 25.47
CA ASN C 32 5.33 -7.11 24.48
C ASN C 32 6.20 -7.60 23.32
N ILE C 33 5.84 -8.76 22.79
CA ILE C 33 6.53 -9.34 21.64
C ILE C 33 5.87 -8.83 20.37
N GLY C 34 6.68 -8.33 19.43
CA GLY C 34 6.15 -7.84 18.18
C GLY C 34 6.85 -8.42 16.97
N TYR C 35 7.91 -9.18 17.20
CA TYR C 35 8.71 -9.77 16.14
C TYR C 35 8.91 -11.26 16.43
N VAL C 36 8.84 -12.09 15.40
CA VAL C 36 8.95 -13.53 15.54
C VAL C 36 9.88 -14.06 14.44
N ILE C 37 10.84 -14.90 14.82
CA ILE C 37 11.70 -15.60 13.88
C ILE C 37 11.42 -17.09 14.01
N ASN C 38 10.97 -17.70 12.91
CA ASN C 38 10.65 -19.13 12.86
C ASN C 38 11.77 -19.82 12.07
N VAL C 39 12.56 -20.65 12.75
CA VAL C 39 13.72 -21.27 12.14
C VAL C 39 13.41 -22.71 11.73
N THR C 40 12.31 -22.89 10.98
CA THR C 40 11.94 -24.19 10.46
C THR C 40 11.46 -24.02 9.02
N THR C 41 11.44 -25.13 8.28
CA THR C 41 10.91 -25.14 6.93
C THR C 41 9.42 -25.49 6.90
N HIS C 42 8.95 -26.31 7.85
CA HIS C 42 7.63 -26.91 7.76
C HIS C 42 6.63 -26.36 8.75
N LEU C 43 7.07 -25.76 9.85
CA LEU C 43 6.13 -25.23 10.82
C LEU C 43 5.49 -23.96 10.28
N PRO C 44 4.23 -23.71 10.61
CA PRO C 44 3.57 -22.47 10.18
C PRO C 44 4.05 -21.28 10.99
N LEU C 45 3.84 -20.10 10.43
CA LEU C 45 4.05 -18.86 11.16
C LEU C 45 2.79 -18.64 12.01
N TYR C 46 2.87 -19.04 13.28
CA TYR C 46 1.69 -19.04 14.12
C TYR C 46 1.14 -17.62 14.30
N HIS C 47 -0.18 -17.50 14.17
CA HIS C 47 -0.90 -16.24 14.32
C HIS C 47 -0.55 -15.23 13.22
N TYR C 48 -0.11 -15.72 12.06
CA TYR C 48 0.23 -14.82 10.95
C TYR C 48 -1.00 -14.08 10.43
N GLU C 49 -2.12 -14.78 10.27
CA GLU C 49 -3.33 -14.18 9.73
C GLU C 49 -3.95 -13.15 10.66
N LYS C 50 -3.48 -13.06 11.91
CA LYS C 50 -4.02 -12.09 12.86
C LYS C 50 -3.42 -10.70 12.68
N GLY C 51 -2.33 -10.56 11.92
CA GLY C 51 -1.76 -9.26 11.66
C GLY C 51 -1.18 -8.58 12.89
N LEU C 52 -0.66 -9.36 13.84
CA LEU C 52 -0.17 -8.80 15.10
C LEU C 52 1.35 -8.67 15.17
N PHE C 53 2.10 -9.49 14.45
CA PHE C 53 3.55 -9.55 14.60
C PHE C 53 4.24 -9.40 13.25
N ASN C 54 5.51 -9.00 13.31
CA ASN C 54 6.39 -8.99 12.15
C ASN C 54 7.16 -10.31 12.13
N TYR C 55 7.07 -11.03 11.01
CA TYR C 55 7.64 -12.36 10.91
C TYR C 55 8.84 -12.38 9.97
N LYS C 56 9.78 -13.28 10.27
CA LYS C 56 10.86 -13.66 9.38
C LYS C 56 11.11 -15.14 9.56
N ARG C 57 11.14 -15.88 8.46
CA ARG C 57 11.37 -17.32 8.48
C ARG C 57 12.76 -17.64 7.96
N LEU C 58 13.52 -18.38 8.75
CA LEU C 58 14.80 -18.91 8.30
C LEU C 58 14.60 -20.39 7.99
N PRO C 59 14.38 -20.76 6.73
CA PRO C 59 13.99 -22.15 6.44
C PRO C 59 15.15 -23.11 6.57
N ALA C 60 15.35 -23.62 7.78
CA ALA C 60 16.46 -24.51 8.10
C ALA C 60 15.94 -25.78 8.75
N THR C 61 16.74 -26.84 8.64
CA THR C 61 16.47 -28.11 9.29
C THR C 61 17.57 -28.41 10.30
N ASP C 62 17.29 -29.35 11.20
CA ASP C 62 18.22 -29.76 12.24
C ASP C 62 19.04 -30.96 11.75
N SER C 63 19.91 -30.68 10.78
CA SER C 63 20.72 -31.70 10.12
C SER C 63 22.19 -31.32 10.21
N ASN C 64 23.05 -32.29 9.85
CA ASN C 64 24.50 -32.09 9.84
C ASN C 64 25.01 -31.41 8.58
N LYS C 65 24.13 -31.05 7.64
CA LYS C 65 24.50 -30.34 6.43
C LYS C 65 23.90 -28.94 6.34
N GLN C 66 22.96 -28.61 7.22
CA GLN C 66 22.25 -27.34 7.13
C GLN C 66 23.20 -26.16 7.39
N ASN C 67 23.09 -25.13 6.56
CA ASN C 67 23.87 -23.91 6.71
C ASN C 67 23.03 -22.89 7.48
N LEU C 68 23.50 -22.52 8.66
CA LEU C 68 22.87 -21.46 9.45
C LEU C 68 23.63 -20.13 9.39
N ARG C 69 24.93 -20.17 9.08
CA ARG C 69 25.73 -18.96 8.99
C ARG C 69 25.13 -17.98 7.98
N GLN C 70 24.52 -18.50 6.91
CA GLN C 70 23.93 -17.64 5.89
C GLN C 70 22.81 -16.76 6.45
N TYR C 71 22.12 -17.23 7.48
CA TYR C 71 21.01 -16.50 8.08
C TYR C 71 21.42 -15.60 9.24
N PHE C 72 22.72 -15.55 9.59
CA PHE C 72 23.14 -14.80 10.77
C PHE C 72 22.86 -13.31 10.60
N GLU C 73 23.40 -12.70 9.54
CA GLU C 73 23.26 -11.26 9.36
C GLU C 73 21.79 -10.87 9.18
N GLU C 74 21.03 -11.70 8.46
CA GLU C 74 19.62 -11.44 8.26
C GLU C 74 18.86 -11.47 9.58
N ALA C 75 19.21 -12.40 10.47
CA ALA C 75 18.54 -12.48 11.76
C ALA C 75 18.97 -11.35 12.69
N PHE C 76 20.23 -10.91 12.59
CA PHE C 76 20.70 -9.84 13.45
C PHE C 76 20.00 -8.52 13.14
N GLU C 77 19.71 -8.25 11.87
CA GLU C 77 18.99 -7.04 11.51
C GLU C 77 17.57 -7.05 12.06
N PHE C 78 16.92 -8.23 12.06
CA PHE C 78 15.57 -8.33 12.59
C PHE C 78 15.56 -8.11 14.11
N ILE C 79 16.57 -8.62 14.81
CA ILE C 79 16.65 -8.43 16.25
C ILE C 79 16.90 -6.96 16.56
N GLU C 80 17.86 -6.35 15.86
CA GLU C 80 18.13 -4.93 16.06
C GLU C 80 16.92 -4.06 15.73
N GLU C 81 16.10 -4.48 14.75
CA GLU C 81 14.89 -3.73 14.43
C GLU C 81 13.91 -3.76 15.59
N ALA C 82 13.71 -4.93 16.20
CA ALA C 82 12.82 -5.03 17.36
C ALA C 82 13.38 -4.25 18.54
N HIS C 83 14.69 -4.35 18.78
CA HIS C 83 15.31 -3.66 19.90
C HIS C 83 15.18 -2.15 19.76
N GLN C 84 15.51 -1.62 18.60
CA GLN C 84 15.57 -0.17 18.39
C GLN C 84 14.21 0.50 18.37
N CYS C 85 13.10 -0.25 18.48
CA CYS C 85 11.78 0.35 18.56
C CYS C 85 10.99 -0.16 19.77
N GLY C 86 11.67 -0.71 20.78
CA GLY C 86 11.03 -0.99 22.04
C GLY C 86 10.11 -2.19 22.07
N LYS C 87 10.25 -3.12 21.14
CA LYS C 87 9.45 -4.34 21.11
C LYS C 87 10.34 -5.56 21.33
N GLY C 88 9.72 -6.63 21.82
CA GLY C 88 10.40 -7.88 22.02
C GLY C 88 10.36 -8.78 20.80
N LEU C 89 11.36 -9.64 20.68
CA LEU C 89 11.44 -10.60 19.59
C LEU C 89 11.52 -12.00 20.15
N LEU C 90 10.70 -12.91 19.61
CA LEU C 90 10.76 -14.32 19.95
C LEU C 90 11.34 -15.09 18.78
N ILE C 91 12.37 -15.90 19.05
CA ILE C 91 12.97 -16.79 18.07
C ILE C 91 12.76 -18.22 18.54
N HIS C 92 12.27 -19.07 17.65
CA HIS C 92 11.90 -20.43 18.03
C HIS C 92 12.15 -21.37 16.86
N CYS C 93 12.28 -22.65 17.20
CA CYS C 93 12.28 -23.71 16.20
C CYS C 93 11.49 -24.90 16.75
N GLN C 94 12.17 -25.98 17.13
CA GLN C 94 11.47 -27.13 17.68
C GLN C 94 11.99 -27.53 19.05
N ALA C 95 11.70 -28.77 19.47
CA ALA C 95 11.82 -29.14 20.88
C ALA C 95 13.21 -28.90 21.44
N GLY C 96 14.24 -29.22 20.67
CA GLY C 96 15.60 -29.13 21.15
C GLY C 96 16.24 -27.76 21.09
N VAL C 97 15.52 -26.76 20.55
CA VAL C 97 15.98 -25.40 20.29
C VAL C 97 17.41 -25.37 19.75
N SER C 98 17.80 -26.41 19.01
CA SER C 98 19.14 -26.44 18.43
C SER C 98 19.36 -25.28 17.47
N ARG C 99 18.45 -25.10 16.52
CA ARG C 99 18.61 -24.04 15.51
C ARG C 99 18.50 -22.66 16.13
N SER C 100 17.46 -22.42 16.95
CA SER C 100 17.22 -21.08 17.47
C SER C 100 18.28 -20.67 18.48
N ALA C 101 18.73 -21.61 19.32
CA ALA C 101 19.79 -21.28 20.28
C ALA C 101 21.09 -20.92 19.57
N THR C 102 21.35 -21.54 18.42
CA THR C 102 22.54 -21.20 17.65
C THR C 102 22.53 -19.74 17.22
N ILE C 103 21.38 -19.26 16.74
CA ILE C 103 21.27 -17.86 16.34
C ILE C 103 21.44 -16.93 17.54
N VAL C 104 20.80 -17.28 18.66
CA VAL C 104 20.91 -16.44 19.86
C VAL C 104 22.35 -16.37 20.33
N ILE C 105 23.03 -17.52 20.39
CA ILE C 105 24.44 -17.54 20.78
C ILE C 105 25.27 -16.72 19.81
N ALA C 106 24.98 -16.83 18.51
CA ALA C 106 25.70 -16.05 17.52
C ALA C 106 25.49 -14.55 17.73
N TYR C 107 24.26 -14.16 18.09
CA TYR C 107 23.98 -12.74 18.35
C TYR C 107 24.76 -12.23 19.55
N LEU C 108 24.83 -13.03 20.61
CA LEU C 108 25.56 -12.61 21.81
C LEU C 108 27.05 -12.43 21.53
N MET C 109 27.60 -13.20 20.59
CA MET C 109 29.00 -13.05 20.24
C MET C 109 29.25 -11.74 19.49
N LYS C 110 28.38 -11.41 18.54
CA LYS C 110 28.60 -10.25 17.69
C LYS C 110 28.41 -8.94 18.46
N HIS C 111 27.33 -8.83 19.22
CA HIS C 111 26.94 -7.55 19.81
C HIS C 111 27.38 -7.40 21.26
N THR C 112 27.29 -8.44 22.08
CA THR C 112 27.72 -8.34 23.48
C THR C 112 29.19 -8.69 23.68
N ARG C 113 29.90 -9.05 22.60
CA ARG C 113 31.36 -9.28 22.63
C ARG C 113 31.76 -10.47 23.48
N MET C 114 30.86 -11.41 23.75
CA MET C 114 31.22 -12.60 24.49
C MET C 114 31.93 -13.60 23.60
N THR C 115 32.75 -14.45 24.21
CA THR C 115 33.35 -15.55 23.48
C THR C 115 32.31 -16.63 23.22
N MET C 116 32.62 -17.52 22.27
CA MET C 116 31.69 -18.59 21.92
C MET C 116 31.37 -19.46 23.13
N THR C 117 32.38 -19.81 23.92
CA THR C 117 32.15 -20.63 25.10
C THR C 117 31.27 -19.90 26.12
N ASP C 118 31.60 -18.65 26.42
CA ASP C 118 30.81 -17.88 27.38
C ASP C 118 29.38 -17.71 26.91
N ALA C 119 29.18 -17.51 25.60
CA ALA C 119 27.84 -17.33 25.07
C ALA C 119 27.00 -18.58 25.26
N TYR C 120 27.60 -19.75 25.06
CA TYR C 120 26.89 -21.00 25.31
C TYR C 120 26.53 -21.15 26.79
N LYS C 121 27.49 -20.86 27.67
CA LYS C 121 27.24 -20.92 29.11
C LYS C 121 26.12 -19.97 29.51
N PHE C 122 26.07 -18.79 28.89
CA PHE C 122 25.04 -17.81 29.22
C PHE C 122 23.66 -18.33 28.86
N VAL C 123 23.49 -18.82 27.63
CA VAL C 123 22.20 -19.34 27.19
C VAL C 123 21.84 -20.62 27.94
N LYS C 124 22.81 -21.52 28.09
CA LYS C 124 22.56 -22.79 28.79
C LYS C 124 22.11 -22.55 30.23
N GLY C 125 22.56 -21.46 30.86
CA GLY C 125 22.12 -21.17 32.21
C GLY C 125 20.66 -20.78 32.30
N LYS C 126 20.14 -20.10 31.28
CA LYS C 126 18.75 -19.68 31.25
C LYS C 126 17.84 -20.68 30.58
N ARG C 127 18.36 -21.43 29.60
CA ARG C 127 17.61 -22.48 28.91
C ARG C 127 18.31 -23.81 29.16
N PRO C 128 17.87 -24.59 30.15
CA PRO C 128 18.65 -25.75 30.58
C PRO C 128 18.75 -26.86 29.54
N ILE C 129 17.74 -27.05 28.70
CA ILE C 129 17.71 -28.16 27.75
C ILE C 129 18.02 -27.61 26.37
N ILE C 130 19.20 -27.95 25.84
CA ILE C 130 19.61 -27.60 24.49
C ILE C 130 20.22 -28.83 23.83
N SER C 131 19.62 -29.26 22.72
CA SER C 131 20.08 -30.47 22.04
C SER C 131 21.36 -30.18 21.26
N PRO C 132 22.28 -31.14 21.20
CA PRO C 132 23.55 -30.90 20.52
C PRO C 132 23.45 -31.01 19.01
N ASN C 133 24.27 -30.20 18.33
CA ASN C 133 24.40 -30.26 16.88
C ASN C 133 25.85 -29.90 16.55
N LEU C 134 26.65 -30.92 16.23
CA LEU C 134 28.07 -30.70 15.95
C LEU C 134 28.29 -29.82 14.74
N ASN C 135 27.40 -29.90 13.74
CA ASN C 135 27.53 -29.04 12.57
C ASN C 135 27.37 -27.57 12.93
N PHE C 136 26.39 -27.26 13.79
CA PHE C 136 26.18 -25.87 14.19
C PHE C 136 27.31 -25.37 15.07
N MET C 137 27.85 -26.23 15.93
CA MET C 137 28.98 -25.84 16.76
C MET C 137 30.17 -25.42 15.91
N GLY C 138 30.47 -26.17 14.86
CA GLY C 138 31.57 -25.81 13.97
C GLY C 138 31.35 -24.45 13.31
N GLN C 139 30.09 -24.15 12.97
CA GLN C 139 29.78 -22.88 12.33
C GLN C 139 29.96 -21.72 13.30
N LEU C 140 29.59 -21.91 14.57
CA LEU C 140 29.83 -20.88 15.58
C LEU C 140 31.33 -20.67 15.81
N LEU C 141 32.11 -21.75 15.76
CA LEU C 141 33.55 -21.64 15.93
C LEU C 141 34.19 -20.82 14.81
N GLU C 142 33.77 -21.08 13.56
CA GLU C 142 34.27 -20.29 12.44
C GLU C 142 33.81 -18.84 12.54
N PHE C 143 32.64 -18.61 13.12
CA PHE C 143 32.15 -17.24 13.27
C PHE C 143 32.97 -16.47 14.29
N GLU C 144 33.45 -17.14 15.34
CA GLU C 144 34.32 -16.49 16.32
C GLU C 144 35.65 -16.08 15.70
N GLU C 145 36.19 -16.91 14.80
CA GLU C 145 37.41 -16.55 14.09
C GLU C 145 37.22 -15.27 13.30
N ASP C 146 36.07 -15.13 12.62
CA ASP C 146 35.83 -13.96 11.80
C ASP C 146 35.60 -12.71 12.66
N LEU C 147 34.98 -12.87 13.83
CA LEU C 147 34.79 -11.74 14.72
C LEU C 147 36.11 -11.25 15.30
N ASN C 148 36.98 -12.18 15.71
CA ASN C 148 38.25 -11.79 16.33
C ASN C 148 39.20 -11.13 15.33
N ASN C 149 39.07 -11.46 14.05
CA ASN C 149 39.95 -10.91 13.03
C ASN C 149 39.41 -9.63 12.39
N GLY C 150 38.28 -9.12 12.87
CA GLY C 150 37.73 -7.90 12.30
C GLY C 150 37.20 -8.05 10.89
N VAL C 151 36.78 -9.26 10.51
CA VAL C 151 36.25 -9.45 9.17
C VAL C 151 34.77 -9.10 9.10
N THR C 152 33.99 -9.54 10.08
CA THR C 152 32.57 -9.24 10.13
C THR C 152 32.19 -8.61 11.46
N ALA D 5 0.27 20.48 -21.92
CA ALA D 5 -0.62 19.43 -22.40
C ALA D 5 0.09 18.57 -23.44
N GLU D 6 -0.44 17.37 -23.69
CA GLU D 6 0.17 16.44 -24.64
C GLU D 6 -0.92 15.55 -25.21
N LEU D 7 -1.23 15.76 -26.49
CA LEU D 7 -2.12 14.87 -27.22
C LEU D 7 -1.29 13.71 -27.76
N THR D 8 -1.50 12.51 -27.22
CA THR D 8 -0.68 11.37 -27.59
C THR D 8 -1.22 10.76 -28.88
N PRO D 9 -0.43 10.73 -29.96
CA PRO D 9 -0.90 10.12 -31.21
C PRO D 9 -0.74 8.62 -31.20
N ILE D 10 -1.86 7.90 -31.12
CA ILE D 10 -1.82 6.45 -31.22
C ILE D 10 -1.55 6.03 -32.66
N LEU D 11 -2.32 6.57 -33.59
CA LEU D 11 -2.14 6.47 -35.02
C LEU D 11 -2.05 7.87 -35.60
N PRO D 12 -1.55 8.02 -36.84
CA PRO D 12 -1.43 9.37 -37.42
C PRO D 12 -2.72 10.18 -37.40
N PHE D 13 -3.87 9.51 -37.27
CA PHE D 13 -5.17 10.19 -37.26
C PHE D 13 -5.94 9.99 -35.97
N LEU D 14 -5.43 9.23 -35.01
CA LEU D 14 -6.15 8.89 -33.79
C LEU D 14 -5.31 9.35 -32.60
N PHE D 15 -5.87 10.22 -31.77
CA PHE D 15 -5.15 10.84 -30.67
C PHE D 15 -5.84 10.54 -29.34
N LEU D 16 -5.04 10.34 -28.30
CA LEU D 16 -5.52 10.00 -26.98
C LEU D 16 -5.05 11.04 -25.97
N GLY D 17 -5.95 11.43 -25.07
CA GLY D 17 -5.62 12.44 -24.08
C GLY D 17 -6.60 12.44 -22.93
N ASN D 18 -6.38 13.34 -21.98
CA ASN D 18 -7.25 13.53 -20.83
C ASN D 18 -7.97 14.88 -20.92
N GLU D 19 -8.58 15.29 -19.80
CA GLU D 19 -9.38 16.52 -19.78
C GLU D 19 -8.54 17.74 -20.14
N GLN D 20 -7.35 17.85 -19.54
CA GLN D 20 -6.51 19.01 -19.81
C GLN D 20 -5.99 19.01 -21.25
N ASP D 21 -5.74 17.82 -21.81
CA ASP D 21 -5.26 17.74 -23.18
C ASP D 21 -6.31 18.22 -24.18
N ALA D 22 -7.59 17.98 -23.90
CA ALA D 22 -8.66 18.36 -24.81
C ALA D 22 -8.93 19.86 -24.82
N GLN D 23 -8.32 20.61 -23.90
CA GLN D 23 -8.52 22.05 -23.82
C GLN D 23 -7.46 22.84 -24.56
N ASP D 24 -6.47 22.18 -25.15
CA ASP D 24 -5.42 22.86 -25.90
C ASP D 24 -5.91 23.01 -27.33
N LEU D 25 -6.58 24.13 -27.60
CA LEU D 25 -7.19 24.34 -28.91
C LEU D 25 -6.14 24.50 -30.00
N ASP D 26 -5.03 25.18 -29.70
CA ASP D 26 -4.02 25.42 -30.72
C ASP D 26 -3.38 24.12 -31.20
N THR D 27 -3.05 23.23 -30.27
CA THR D 27 -2.42 21.96 -30.65
C THR D 27 -3.39 21.10 -31.45
N MET D 28 -4.67 21.11 -31.10
CA MET D 28 -5.65 20.30 -31.81
C MET D 28 -5.77 20.74 -33.27
N GLN D 29 -5.76 22.05 -33.52
CA GLN D 29 -5.84 22.54 -34.89
C GLN D 29 -4.53 22.32 -35.65
N ARG D 30 -3.40 22.38 -34.94
CA ARG D 30 -2.11 22.11 -35.55
C ARG D 30 -2.02 20.65 -36.01
N LEU D 31 -2.63 19.73 -35.27
CA LEU D 31 -2.61 18.32 -35.61
C LEU D 31 -3.74 17.93 -36.55
N ASN D 32 -4.51 18.91 -37.04
CA ASN D 32 -5.59 18.68 -38.01
C ASN D 32 -6.67 17.77 -37.42
N ILE D 33 -7.07 18.04 -36.18
CA ILE D 33 -8.13 17.30 -35.52
C ILE D 33 -9.46 17.99 -35.80
N GLY D 34 -10.45 17.23 -36.24
CA GLY D 34 -11.77 17.76 -36.53
C GLY D 34 -12.88 17.01 -35.85
N TYR D 35 -12.52 15.92 -35.15
CA TYR D 35 -13.49 15.07 -34.48
C TYR D 35 -13.05 14.85 -33.05
N VAL D 36 -14.02 14.88 -32.12
CA VAL D 36 -13.73 14.72 -30.70
C VAL D 36 -14.75 13.74 -30.11
N ILE D 37 -14.26 12.78 -29.33
CA ILE D 37 -15.10 11.85 -28.58
C ILE D 37 -14.87 12.11 -27.10
N ASN D 38 -15.93 12.49 -26.40
CA ASN D 38 -15.86 12.77 -24.96
C ASN D 38 -16.49 11.59 -24.23
N VAL D 39 -15.66 10.85 -23.50
CA VAL D 39 -16.11 9.63 -22.83
C VAL D 39 -16.36 9.92 -21.36
N THR D 40 -17.14 10.97 -21.08
CA THR D 40 -17.52 11.33 -19.73
C THR D 40 -18.99 11.72 -19.70
N THR D 41 -19.57 11.71 -18.51
CA THR D 41 -20.94 12.16 -18.33
C THR D 41 -21.02 13.64 -17.99
N HIS D 42 -20.02 14.17 -17.28
CA HIS D 42 -20.11 15.48 -16.66
C HIS D 42 -19.21 16.54 -17.30
N LEU D 43 -18.16 16.16 -18.02
CA LEU D 43 -17.29 17.16 -18.61
C LEU D 43 -17.98 17.85 -19.77
N PRO D 44 -17.72 19.15 -19.97
CA PRO D 44 -18.30 19.86 -21.11
C PRO D 44 -17.59 19.49 -22.40
N LEU D 45 -18.28 19.78 -23.51
CA LEU D 45 -17.66 19.67 -24.82
C LEU D 45 -16.84 20.94 -25.04
N TYR D 46 -15.54 20.83 -24.77
CA TYR D 46 -14.67 22.00 -24.81
C TYR D 46 -14.65 22.61 -26.21
N HIS D 47 -14.76 23.93 -26.28
CA HIS D 47 -14.73 24.68 -27.54
C HIS D 47 -15.94 24.36 -28.41
N TYR D 48 -17.06 23.98 -27.82
CA TYR D 48 -18.26 23.67 -28.60
C TYR D 48 -18.76 24.90 -29.35
N GLU D 49 -18.77 26.06 -28.69
CA GLU D 49 -19.30 27.28 -29.32
C GLU D 49 -18.42 27.81 -30.45
N LYS D 50 -17.21 27.28 -30.62
CA LYS D 50 -16.35 27.75 -31.69
C LYS D 50 -16.64 27.07 -33.02
N GLY D 51 -17.41 25.99 -33.03
CA GLY D 51 -17.76 25.34 -34.28
C GLY D 51 -16.61 24.72 -35.02
N LEU D 52 -15.59 24.24 -34.31
CA LEU D 52 -14.38 23.73 -34.93
C LEU D 52 -14.35 22.21 -35.04
N PHE D 53 -15.05 21.49 -34.17
CA PHE D 53 -14.97 20.04 -34.15
C PHE D 53 -16.37 19.43 -34.21
N ASN D 54 -16.42 18.19 -34.68
CA ASN D 54 -17.62 17.38 -34.62
C ASN D 54 -17.54 16.53 -33.36
N TYR D 55 -18.56 16.61 -32.52
CA TYR D 55 -18.51 15.98 -31.21
C TYR D 55 -19.40 14.75 -31.16
N LYS D 56 -18.99 13.79 -30.35
CA LYS D 56 -19.79 12.63 -29.98
C LYS D 56 -19.49 12.34 -28.52
N ARG D 57 -20.54 12.21 -27.71
CA ARG D 57 -20.38 11.96 -26.29
C ARG D 57 -20.78 10.52 -25.97
N LEU D 58 -19.85 9.78 -25.35
CA LEU D 58 -20.16 8.47 -24.81
C LEU D 58 -20.29 8.61 -23.30
N PRO D 59 -21.51 8.77 -22.76
CA PRO D 59 -21.65 9.11 -21.34
C PRO D 59 -21.36 7.93 -20.41
N ALA D 60 -20.09 7.80 -20.01
CA ALA D 60 -19.65 6.69 -19.19
C ALA D 60 -18.94 7.22 -17.96
N THR D 61 -18.90 6.37 -16.92
CA THR D 61 -18.17 6.65 -15.69
C THR D 61 -17.04 5.63 -15.52
N ASP D 62 -16.08 5.98 -14.67
CA ASP D 62 -14.93 5.11 -14.40
C ASP D 62 -15.23 4.25 -13.17
N SER D 63 -16.15 3.32 -13.34
CA SER D 63 -16.61 2.45 -12.27
C SER D 63 -16.43 0.99 -12.67
N ASN D 64 -16.63 0.09 -11.69
CA ASN D 64 -16.53 -1.34 -11.93
C ASN D 64 -17.79 -1.93 -12.53
N LYS D 65 -18.82 -1.11 -12.79
CA LYS D 65 -20.05 -1.56 -13.40
C LYS D 65 -20.32 -0.94 -14.77
N GLN D 66 -19.56 0.07 -15.18
CA GLN D 66 -19.84 0.77 -16.42
C GLN D 66 -19.68 -0.16 -17.62
N ASN D 67 -20.64 -0.06 -18.54
CA ASN D 67 -20.60 -0.83 -19.79
C ASN D 67 -19.97 0.06 -20.86
N LEU D 68 -18.80 -0.35 -21.35
CA LEU D 68 -18.16 0.33 -22.46
C LEU D 68 -18.29 -0.41 -23.78
N ARG D 69 -18.52 -1.72 -23.73
CA ARG D 69 -18.70 -2.51 -24.95
C ARG D 69 -19.83 -1.98 -25.81
N GLN D 70 -20.89 -1.46 -25.19
CA GLN D 70 -22.02 -0.95 -25.95
C GLN D 70 -21.64 0.23 -26.85
N TYR D 71 -20.64 1.01 -26.44
CA TYR D 71 -20.21 2.17 -27.20
C TYR D 71 -19.11 1.88 -28.21
N PHE D 72 -18.69 0.61 -28.35
CA PHE D 72 -17.59 0.29 -29.24
C PHE D 72 -17.94 0.60 -30.69
N GLU D 73 -19.05 0.03 -31.19
CA GLU D 73 -19.41 0.19 -32.59
C GLU D 73 -19.70 1.65 -32.93
N GLU D 74 -20.34 2.38 -32.02
CA GLU D 74 -20.62 3.78 -32.27
C GLU D 74 -19.33 4.58 -32.42
N ALA D 75 -18.32 4.27 -31.60
CA ALA D 75 -17.05 4.99 -31.66
C ALA D 75 -16.25 4.59 -32.90
N PHE D 76 -16.32 3.32 -33.30
CA PHE D 76 -15.56 2.87 -34.47
C PHE D 76 -16.08 3.52 -35.74
N GLU D 77 -17.40 3.71 -35.84
CA GLU D 77 -17.97 4.37 -37.00
C GLU D 77 -17.53 5.83 -37.05
N PHE D 78 -17.43 6.46 -35.88
CA PHE D 78 -16.97 7.85 -35.81
C PHE D 78 -15.48 7.97 -36.17
N ILE D 79 -14.66 7.01 -35.74
CA ILE D 79 -13.23 7.06 -36.04
C ILE D 79 -12.99 6.82 -37.52
N GLU D 80 -13.64 5.81 -38.10
CA GLU D 80 -13.51 5.55 -39.54
C GLU D 80 -13.99 6.74 -40.35
N GLU D 81 -14.99 7.47 -39.85
CA GLU D 81 -15.46 8.67 -40.53
C GLU D 81 -14.37 9.74 -40.58
N ALA D 82 -13.67 9.95 -39.47
CA ALA D 82 -12.58 10.91 -39.44
C ALA D 82 -11.43 10.45 -40.33
N HIS D 83 -11.10 9.15 -40.30
CA HIS D 83 -9.99 8.63 -41.09
C HIS D 83 -10.24 8.82 -42.58
N GLN D 84 -11.42 8.42 -43.06
CA GLN D 84 -11.70 8.38 -44.49
C GLN D 84 -11.88 9.76 -45.12
N CYS D 85 -11.80 10.85 -44.35
CA CYS D 85 -11.83 12.19 -44.92
C CYS D 85 -10.62 13.02 -44.49
N GLY D 86 -9.55 12.36 -44.03
CA GLY D 86 -8.29 13.04 -43.82
C GLY D 86 -8.22 13.94 -42.62
N LYS D 87 -9.10 13.76 -41.63
CA LYS D 87 -9.09 14.56 -40.42
C LYS D 87 -8.76 13.68 -39.23
N GLY D 88 -8.23 14.30 -38.17
CA GLY D 88 -7.90 13.59 -36.96
C GLY D 88 -9.05 13.55 -35.96
N LEU D 89 -9.05 12.52 -35.12
CA LEU D 89 -10.03 12.35 -34.07
C LEU D 89 -9.32 12.27 -32.73
N LEU D 90 -9.80 13.04 -31.76
CA LEU D 90 -9.30 12.98 -30.38
C LEU D 90 -10.36 12.33 -29.51
N ILE D 91 -9.95 11.31 -28.75
CA ILE D 91 -10.80 10.67 -27.77
C ILE D 91 -10.17 10.87 -26.40
N HIS D 92 -10.97 11.33 -25.44
CA HIS D 92 -10.44 11.70 -24.13
C HIS D 92 -11.47 11.41 -23.06
N CYS D 93 -10.98 11.30 -21.82
CA CYS D 93 -11.86 11.26 -20.65
C CYS D 93 -11.23 12.06 -19.52
N GLN D 94 -10.71 11.39 -18.50
CA GLN D 94 -10.09 12.11 -17.38
C GLN D 94 -8.66 11.63 -17.11
N ALA D 95 -8.16 11.92 -15.91
CA ALA D 95 -6.71 11.87 -15.65
C ALA D 95 -6.12 10.50 -15.98
N GLY D 96 -6.81 9.42 -15.61
CA GLY D 96 -6.24 8.11 -15.79
C GLY D 96 -6.39 7.52 -17.18
N VAL D 97 -7.06 8.24 -18.09
CA VAL D 97 -7.40 7.81 -19.45
C VAL D 97 -7.84 6.34 -19.48
N SER D 98 -8.45 5.87 -18.40
CA SER D 98 -8.93 4.49 -18.35
C SER D 98 -10.02 4.24 -19.40
N ARG D 99 -11.04 5.10 -19.44
CA ARG D 99 -12.15 4.88 -20.36
C ARG D 99 -11.70 5.02 -21.81
N SER D 100 -10.98 6.10 -22.12
CA SER D 100 -10.62 6.37 -23.52
C SER D 100 -9.61 5.36 -24.05
N ALA D 101 -8.67 4.92 -23.21
CA ALA D 101 -7.70 3.92 -23.67
C ALA D 101 -8.35 2.60 -24.00
N THR D 102 -9.43 2.24 -23.28
CA THR D 102 -10.14 1.00 -23.59
C THR D 102 -10.70 1.04 -25.02
N ILE D 103 -11.30 2.17 -25.41
CA ILE D 103 -11.84 2.30 -26.76
C ILE D 103 -10.73 2.22 -27.80
N VAL D 104 -9.61 2.90 -27.54
CA VAL D 104 -8.48 2.88 -28.47
C VAL D 104 -7.94 1.46 -28.61
N ILE D 105 -7.75 0.78 -27.48
CA ILE D 105 -7.29 -0.61 -27.52
C ILE D 105 -8.28 -1.48 -28.29
N ALA D 106 -9.57 -1.26 -28.07
CA ALA D 106 -10.59 -2.01 -28.80
C ALA D 106 -10.50 -1.74 -30.29
N TYR D 107 -10.25 -0.48 -30.68
CA TYR D 107 -10.12 -0.15 -32.09
C TYR D 107 -8.93 -0.85 -32.73
N LEU D 108 -7.79 -0.87 -32.04
CA LEU D 108 -6.61 -1.52 -32.60
C LEU D 108 -6.83 -3.02 -32.76
N MET D 109 -7.64 -3.63 -31.89
CA MET D 109 -7.95 -5.04 -32.02
C MET D 109 -8.83 -5.30 -33.22
N LYS D 110 -9.88 -4.49 -33.39
CA LYS D 110 -10.85 -4.73 -34.45
C LYS D 110 -10.28 -4.42 -35.83
N HIS D 111 -9.63 -3.26 -35.98
CA HIS D 111 -9.23 -2.76 -37.28
C HIS D 111 -7.77 -3.05 -37.63
N THR D 112 -6.85 -2.94 -36.68
CA THR D 112 -5.45 -3.23 -36.95
C THR D 112 -5.09 -4.71 -36.74
N ARG D 113 -6.06 -5.53 -36.34
CA ARG D 113 -5.91 -6.98 -36.23
C ARG D 113 -4.89 -7.39 -35.17
N MET D 114 -4.59 -6.51 -34.22
CA MET D 114 -3.69 -6.84 -33.13
C MET D 114 -4.42 -7.66 -32.07
N THR D 115 -3.64 -8.44 -31.32
CA THR D 115 -4.19 -9.13 -30.17
C THR D 115 -4.40 -8.14 -29.02
N MET D 116 -5.22 -8.55 -28.06
CA MET D 116 -5.51 -7.69 -26.91
C MET D 116 -4.23 -7.34 -26.16
N THR D 117 -3.34 -8.33 -25.97
CA THR D 117 -2.08 -8.07 -25.28
C THR D 117 -1.22 -7.07 -26.06
N ASP D 118 -1.04 -7.30 -27.35
CA ASP D 118 -0.21 -6.41 -28.16
C ASP D 118 -0.80 -5.01 -28.23
N ALA D 119 -2.13 -4.90 -28.31
CA ALA D 119 -2.77 -3.59 -28.39
C ALA D 119 -2.56 -2.78 -27.12
N TYR D 120 -2.64 -3.42 -25.94
CA TYR D 120 -2.35 -2.73 -24.70
C TYR D 120 -0.88 -2.30 -24.65
N LYS D 121 0.02 -3.20 -25.03
CA LYS D 121 1.44 -2.88 -25.08
C LYS D 121 1.71 -1.71 -26.03
N PHE D 122 0.98 -1.66 -27.15
CA PHE D 122 1.15 -0.56 -28.10
C PHE D 122 0.73 0.77 -27.52
N VAL D 123 -0.47 0.83 -26.92
CA VAL D 123 -0.96 2.09 -26.36
C VAL D 123 -0.13 2.49 -25.14
N LYS D 124 0.19 1.53 -24.27
CA LYS D 124 0.99 1.82 -23.09
C LYS D 124 2.37 2.37 -23.47
N GLY D 125 2.89 1.96 -24.63
CA GLY D 125 4.19 2.46 -25.07
C GLY D 125 4.17 3.93 -25.42
N LYS D 126 3.04 4.42 -25.96
CA LYS D 126 2.92 5.83 -26.30
C LYS D 126 2.32 6.65 -25.17
N ARG D 127 1.45 6.05 -24.35
CA ARG D 127 0.83 6.73 -23.21
C ARG D 127 1.24 6.00 -21.94
N PRO D 128 2.29 6.45 -21.25
CA PRO D 128 2.85 5.63 -20.16
C PRO D 128 1.93 5.47 -18.96
N ILE D 129 1.08 6.45 -18.65
CA ILE D 129 0.25 6.40 -17.45
C ILE D 129 -1.18 6.06 -17.85
N ILE D 130 -1.62 4.86 -17.49
CA ILE D 130 -2.99 4.42 -17.70
C ILE D 130 -3.46 3.75 -16.41
N SER D 131 -4.52 4.30 -15.81
CA SER D 131 -5.02 3.76 -14.55
C SER D 131 -5.73 2.44 -14.80
N PRO D 132 -5.61 1.48 -13.87
CA PRO D 132 -6.20 0.16 -14.10
C PRO D 132 -7.70 0.12 -13.83
N ASN D 133 -8.39 -0.73 -14.60
CA ASN D 133 -9.81 -0.99 -14.39
C ASN D 133 -10.06 -2.44 -14.77
N LEU D 134 -10.23 -3.30 -13.75
CA LEU D 134 -10.42 -4.72 -13.98
C LEU D 134 -11.69 -5.00 -14.76
N ASN D 135 -12.73 -4.18 -14.58
CA ASN D 135 -13.97 -4.37 -15.33
C ASN D 135 -13.75 -4.20 -16.82
N PHE D 136 -12.97 -3.19 -17.22
CA PHE D 136 -12.74 -2.94 -18.64
C PHE D 136 -11.89 -4.02 -19.28
N MET D 137 -10.91 -4.57 -18.54
CA MET D 137 -10.12 -5.67 -19.06
C MET D 137 -11.00 -6.88 -19.38
N GLY D 138 -11.94 -7.21 -18.50
CA GLY D 138 -12.84 -8.31 -18.78
C GLY D 138 -13.63 -8.10 -20.06
N GLN D 139 -14.04 -6.85 -20.31
CA GLN D 139 -14.77 -6.54 -21.53
C GLN D 139 -13.87 -6.63 -22.76
N LEU D 140 -12.61 -6.19 -22.63
CA LEU D 140 -11.67 -6.34 -23.73
C LEU D 140 -11.35 -7.81 -23.99
N LEU D 141 -11.23 -8.61 -22.92
CA LEU D 141 -10.97 -10.04 -23.10
C LEU D 141 -12.15 -10.71 -23.78
N GLU D 142 -13.38 -10.39 -23.36
CA GLU D 142 -14.55 -10.91 -24.03
C GLU D 142 -14.67 -10.40 -25.45
N PHE D 143 -14.19 -9.17 -25.71
CA PHE D 143 -14.23 -8.63 -27.05
C PHE D 143 -13.25 -9.36 -27.98
N GLU D 144 -12.09 -9.75 -27.46
CA GLU D 144 -11.16 -10.54 -28.26
C GLU D 144 -11.72 -11.90 -28.58
N GLU D 145 -12.46 -12.49 -27.64
CA GLU D 145 -13.10 -13.77 -27.88
C GLU D 145 -14.06 -13.68 -29.06
N ASP D 146 -14.83 -12.61 -29.14
CA ASP D 146 -15.80 -12.45 -30.22
C ASP D 146 -15.12 -12.15 -31.56
N LEU D 147 -14.00 -11.42 -31.53
CA LEU D 147 -13.29 -11.13 -32.78
C LEU D 147 -12.71 -12.39 -33.40
N ASN D 148 -12.09 -13.25 -32.58
CA ASN D 148 -11.48 -14.47 -33.10
C ASN D 148 -12.55 -15.45 -33.58
N ASN D 149 -13.75 -15.38 -33.02
CA ASN D 149 -14.85 -16.28 -33.37
C ASN D 149 -15.73 -15.74 -34.48
N GLY D 150 -15.38 -14.59 -35.06
CA GLY D 150 -16.19 -14.01 -36.12
C GLY D 150 -17.54 -13.49 -35.67
N VAL D 151 -17.66 -13.07 -34.42
CA VAL D 151 -18.91 -12.55 -33.91
C VAL D 151 -18.96 -11.03 -34.03
N ALA E 5 8.28 15.69 32.67
CA ALA E 5 7.53 16.50 31.72
C ALA E 5 8.15 16.39 30.33
N GLU E 6 7.30 16.44 29.30
CA GLU E 6 7.76 16.30 27.93
C GLU E 6 6.81 17.05 27.00
N LEU E 7 7.26 18.17 26.45
CA LEU E 7 6.53 18.88 25.41
C LEU E 7 6.86 18.22 24.07
N THR E 8 5.86 17.54 23.50
CA THR E 8 6.10 16.80 22.27
C THR E 8 6.01 17.73 21.06
N PRO E 9 7.08 17.88 20.28
CA PRO E 9 7.04 18.75 19.10
C PRO E 9 6.41 18.05 17.91
N ILE E 10 5.20 18.47 17.55
CA ILE E 10 4.54 17.94 16.36
C ILE E 10 5.15 18.55 15.10
N LEU E 11 5.25 19.88 15.08
CA LEU E 11 5.96 20.63 14.05
C LEU E 11 7.02 21.49 14.70
N PRO E 12 8.01 22.00 13.92
CA PRO E 12 9.08 22.80 14.53
C PRO E 12 8.60 23.97 15.38
N PHE E 13 7.37 24.42 15.14
CA PHE E 13 6.79 25.54 15.88
C PHE E 13 5.54 25.18 16.66
N LEU E 14 5.08 23.92 16.60
CA LEU E 14 3.82 23.51 17.22
C LEU E 14 4.09 22.39 18.22
N PHE E 15 3.72 22.61 19.48
CA PHE E 15 4.01 21.68 20.56
C PHE E 15 2.72 21.23 21.22
N LEU E 16 2.69 19.96 21.62
CA LEU E 16 1.54 19.32 22.24
C LEU E 16 1.93 18.82 23.62
N GLY E 17 1.03 18.99 24.60
CA GLY E 17 1.32 18.58 25.95
C GLY E 17 0.06 18.50 26.78
N ASN E 18 0.23 18.12 28.05
CA ASN E 18 -0.86 18.05 29.00
C ASN E 18 -0.71 19.15 30.05
N GLU E 19 -1.50 19.04 31.12
CA GLU E 19 -1.51 20.09 32.15
C GLU E 19 -0.14 20.25 32.80
N GLN E 20 0.49 19.14 33.19
CA GLN E 20 1.79 19.22 33.85
C GLN E 20 2.89 19.68 32.90
N ASP E 21 2.80 19.32 31.62
CA ASP E 21 3.81 19.76 30.67
C ASP E 21 3.79 21.27 30.49
N ALA E 22 2.62 21.88 30.56
CA ALA E 22 2.50 23.32 30.39
C ALA E 22 3.01 24.10 31.59
N GLN E 23 3.32 23.43 32.69
CA GLN E 23 3.79 24.07 33.91
C GLN E 23 5.31 24.12 33.99
N ASP E 24 6.02 23.55 33.00
CA ASP E 24 7.48 23.58 32.97
C ASP E 24 7.90 24.85 32.25
N LEU E 25 8.09 25.93 33.01
CA LEU E 25 8.41 27.22 32.43
C LEU E 25 9.78 27.20 31.74
N ASP E 26 10.75 26.51 32.31
CA ASP E 26 12.10 26.49 31.75
C ASP E 26 12.11 25.86 30.36
N THR E 27 11.40 24.74 30.20
CA THR E 27 11.38 24.05 28.91
C THR E 27 10.74 24.91 27.83
N MET E 28 9.68 25.66 28.18
CA MET E 28 9.00 26.49 27.20
C MET E 28 9.93 27.57 26.65
N GLN E 29 10.74 28.19 27.51
CA GLN E 29 11.67 29.21 27.03
C GLN E 29 12.83 28.61 26.25
N ARG E 30 13.25 27.39 26.60
CA ARG E 30 14.29 26.71 25.83
C ARG E 30 13.84 26.43 24.41
N LEU E 31 12.56 26.09 24.24
CA LEU E 31 12.00 25.73 22.94
C LEU E 31 11.47 26.93 22.16
N ASN E 32 11.67 28.15 22.68
CA ASN E 32 11.27 29.39 22.00
C ASN E 32 9.76 29.43 21.77
N ILE E 33 8.99 29.07 22.79
CA ILE E 33 7.54 29.11 22.72
C ILE E 33 7.06 30.47 23.23
N GLY E 34 6.17 31.11 22.48
CA GLY E 34 5.66 32.40 22.86
C GLY E 34 4.15 32.48 22.86
N TYR E 35 3.49 31.41 22.40
CA TYR E 35 2.04 31.35 22.29
C TYR E 35 1.53 30.07 22.94
N VAL E 36 0.41 30.18 23.63
CA VAL E 36 -0.19 29.05 24.35
C VAL E 36 -1.68 29.01 24.05
N ILE E 37 -2.18 27.82 23.73
CA ILE E 37 -3.61 27.57 23.59
C ILE E 37 -4.02 26.60 24.69
N ASN E 38 -4.91 27.04 25.56
CA ASN E 38 -5.40 26.25 26.69
C ASN E 38 -6.81 25.78 26.33
N VAL E 39 -6.96 24.47 26.13
CA VAL E 39 -8.23 23.91 25.69
C VAL E 39 -8.97 23.32 26.87
N THR E 40 -9.13 24.13 27.92
CA THR E 40 -9.88 23.72 29.10
C THR E 40 -10.76 24.88 29.57
N THR E 41 -11.76 24.54 30.39
CA THR E 41 -12.61 25.54 31.02
C THR E 41 -12.08 25.96 32.38
N HIS E 42 -11.43 25.06 33.11
CA HIS E 42 -11.13 25.24 34.51
C HIS E 42 -9.65 25.43 34.82
N LEU E 43 -8.75 25.00 33.96
CA LEU E 43 -7.33 25.14 34.25
C LEU E 43 -6.90 26.61 34.09
N PRO E 44 -5.96 27.06 34.92
CA PRO E 44 -5.46 28.43 34.77
C PRO E 44 -4.53 28.57 33.58
N LEU E 45 -4.35 29.81 33.15
CA LEU E 45 -3.36 30.14 32.13
C LEU E 45 -2.01 30.23 32.84
N TYR E 46 -1.23 29.15 32.79
CA TYR E 46 0.01 29.08 33.56
C TYR E 46 0.98 30.17 33.13
N HIS E 47 1.59 30.83 34.12
CA HIS E 47 2.59 31.87 33.91
C HIS E 47 2.00 33.10 33.23
N TYR E 48 0.69 33.32 33.39
CA TYR E 48 0.06 34.50 32.78
C TYR E 48 0.59 35.80 33.39
N GLU E 49 0.75 35.83 34.71
CA GLU E 49 1.17 37.04 35.40
C GLU E 49 2.61 37.42 35.09
N LYS E 50 3.39 36.55 34.45
CA LYS E 50 4.77 36.86 34.11
C LYS E 50 4.89 37.65 32.82
N GLY E 51 3.83 37.75 32.03
CA GLY E 51 3.85 38.56 30.82
C GLY E 51 4.76 38.05 29.73
N LEU E 52 4.96 36.73 29.63
CA LEU E 52 5.89 36.16 28.68
C LEU E 52 5.22 35.62 27.42
N PHE E 53 3.96 35.20 27.49
CA PHE E 53 3.32 34.52 26.38
C PHE E 53 1.99 35.18 26.03
N ASN E 54 1.57 34.98 24.80
CA ASN E 54 0.23 35.35 24.35
C ASN E 54 -0.69 34.14 24.45
N TYR E 55 -1.80 34.30 25.15
CA TYR E 55 -2.68 33.19 25.46
C TYR E 55 -3.98 33.27 24.67
N LYS E 56 -4.55 32.10 24.39
CA LYS E 56 -5.90 31.97 23.86
C LYS E 56 -6.52 30.74 24.50
N ARG E 57 -7.72 30.90 25.06
CA ARG E 57 -8.40 29.81 25.73
C ARG E 57 -9.58 29.32 24.88
N LEU E 58 -9.60 28.02 24.61
CA LEU E 58 -10.74 27.38 23.97
C LEU E 58 -11.50 26.62 25.05
N PRO E 59 -12.55 27.20 25.64
CA PRO E 59 -13.18 26.59 26.81
C PRO E 59 -14.00 25.36 26.47
N ALA E 60 -13.36 24.19 26.47
CA ALA E 60 -14.01 22.95 26.11
C ALA E 60 -13.81 21.90 27.21
N THR E 61 -14.73 20.93 27.24
CA THR E 61 -14.64 19.78 28.12
C THR E 61 -14.52 18.52 27.30
N ASP E 62 -14.08 17.44 27.95
CA ASP E 62 -13.90 16.15 27.28
C ASP E 62 -15.16 15.29 27.44
N SER E 63 -16.18 15.69 26.70
CA SER E 63 -17.48 15.01 26.74
C SER E 63 -17.87 14.58 25.34
N ASN E 64 -18.91 13.74 25.27
CA ASN E 64 -19.40 13.26 23.99
C ASN E 64 -20.34 14.25 23.31
N LYS E 65 -20.56 15.42 23.91
CA LYS E 65 -21.40 16.45 23.34
C LYS E 65 -20.63 17.73 22.99
N GLN E 66 -19.38 17.85 23.43
CA GLN E 66 -18.61 19.05 23.23
C GLN E 66 -18.32 19.33 21.76
N ASN E 67 -18.48 20.58 21.36
CA ASN E 67 -18.17 21.04 20.00
C ASN E 67 -16.76 21.62 19.98
N LEU E 68 -15.86 20.98 19.22
CA LEU E 68 -14.52 21.51 19.01
C LEU E 68 -14.35 22.15 17.63
N ARG E 69 -15.19 21.78 16.66
CA ARG E 69 -15.10 22.37 15.32
C ARG E 69 -15.20 23.89 15.35
N GLN E 70 -16.00 24.44 16.28
CA GLN E 70 -16.16 25.89 16.36
C GLN E 70 -14.85 26.61 16.65
N TYR E 71 -13.91 25.95 17.33
CA TYR E 71 -12.64 26.55 17.69
C TYR E 71 -11.56 26.30 16.66
N PHE E 72 -11.87 25.60 15.56
CA PHE E 72 -10.85 25.28 14.57
C PHE E 72 -10.30 26.54 13.91
N GLU E 73 -11.19 27.36 13.33
CA GLU E 73 -10.75 28.54 12.60
C GLU E 73 -10.07 29.53 13.54
N GLU E 74 -10.58 29.67 14.77
CA GLU E 74 -9.96 30.57 15.74
C GLU E 74 -8.56 30.11 16.10
N ALA E 75 -8.36 28.80 16.24
CA ALA E 75 -7.06 28.28 16.61
C ALA E 75 -6.06 28.36 15.45
N PHE E 76 -6.53 28.20 14.21
CA PHE E 76 -5.62 28.24 13.07
C PHE E 76 -5.02 29.63 12.90
N GLU E 77 -5.79 30.68 13.16
CA GLU E 77 -5.26 32.03 13.08
C GLU E 77 -4.19 32.25 14.14
N PHE E 78 -4.40 31.70 15.34
CA PHE E 78 -3.41 31.82 16.41
C PHE E 78 -2.14 31.03 16.09
N ILE E 79 -2.29 29.84 15.51
CA ILE E 79 -1.12 29.03 15.17
C ILE E 79 -0.32 29.69 14.04
N GLU E 80 -1.03 30.13 12.99
CA GLU E 80 -0.36 30.83 11.90
C GLU E 80 0.32 32.11 12.38
N GLU E 81 -0.25 32.77 13.39
CA GLU E 81 0.39 33.97 13.93
C GLU E 81 1.72 33.65 14.57
N ALA E 82 1.78 32.57 15.36
CA ALA E 82 3.04 32.17 15.98
C ALA E 82 4.06 31.76 14.93
N HIS E 83 3.62 31.01 13.90
CA HIS E 83 4.53 30.58 12.86
C HIS E 83 5.11 31.77 12.10
N GLN E 84 4.25 32.69 11.68
CA GLN E 84 4.65 33.80 10.82
C GLN E 84 5.48 34.86 11.53
N CYS E 85 5.71 34.73 12.85
CA CYS E 85 6.59 35.65 13.56
C CYS E 85 7.67 34.91 14.35
N GLY E 86 7.96 33.66 13.98
CA GLY E 86 9.13 32.97 14.50
C GLY E 86 9.05 32.50 15.93
N LYS E 87 7.86 32.35 16.49
CA LYS E 87 7.69 31.87 17.84
C LYS E 87 6.96 30.53 17.83
N GLY E 88 7.17 29.75 18.88
CA GLY E 88 6.50 28.47 19.03
C GLY E 88 5.18 28.60 19.76
N LEU E 89 4.27 27.68 19.46
CA LEU E 89 2.96 27.63 20.11
C LEU E 89 2.80 26.30 20.81
N LEU E 90 2.37 26.34 22.06
CA LEU E 90 2.04 25.16 22.84
C LEU E 90 0.53 25.07 23.00
N ILE E 91 -0.04 23.94 22.63
CA ILE E 91 -1.45 23.67 22.85
C ILE E 91 -1.57 22.48 23.78
N HIS E 92 -2.37 22.62 24.83
CA HIS E 92 -2.44 21.61 25.87
C HIS E 92 -3.85 21.56 26.44
N CYS E 93 -4.16 20.43 27.06
CA CYS E 93 -5.38 20.30 27.85
C CYS E 93 -5.09 19.49 29.11
N GLN E 94 -5.57 18.26 29.17
CA GLN E 94 -5.33 17.42 30.34
C GLN E 94 -4.70 16.08 29.95
N ALA E 95 -4.79 15.09 30.85
CA ALA E 95 -3.92 13.92 30.78
C ALA E 95 -4.02 13.19 29.44
N GLY E 96 -5.22 13.05 28.91
CA GLY E 96 -5.39 12.25 27.71
C GLY E 96 -5.10 12.96 26.41
N VAL E 97 -4.77 14.24 26.45
CA VAL E 97 -4.54 15.12 25.29
C VAL E 97 -5.56 14.87 24.18
N SER E 98 -6.77 14.43 24.55
CA SER E 98 -7.81 14.20 23.56
C SER E 98 -8.21 15.50 22.85
N ARG E 99 -8.50 16.54 23.62
CA ARG E 99 -8.97 17.80 23.04
C ARG E 99 -7.87 18.46 22.21
N SER E 100 -6.67 18.58 22.77
CA SER E 100 -5.61 19.31 22.08
C SER E 100 -5.12 18.58 20.85
N ALA E 101 -5.06 17.25 20.89
CA ALA E 101 -4.64 16.49 19.71
C ALA E 101 -5.64 16.64 18.56
N THR E 102 -6.93 16.80 18.88
CA THR E 102 -7.92 17.02 17.84
C THR E 102 -7.62 18.31 17.07
N ILE E 103 -7.26 19.38 17.77
CA ILE E 103 -6.91 20.63 17.11
C ILE E 103 -5.65 20.45 16.28
N VAL E 104 -4.65 19.76 16.83
CA VAL E 104 -3.40 19.54 16.10
C VAL E 104 -3.66 18.74 14.83
N ILE E 105 -4.43 17.67 14.95
CA ILE E 105 -4.78 16.86 13.78
C ILE E 105 -5.54 17.70 12.77
N ALA E 106 -6.47 18.53 13.24
CA ALA E 106 -7.22 19.41 12.34
C ALA E 106 -6.30 20.38 11.63
N TYR E 107 -5.30 20.93 12.34
CA TYR E 107 -4.37 21.85 11.72
C TYR E 107 -3.54 21.15 10.64
N LEU E 108 -3.08 19.94 10.91
CA LEU E 108 -2.28 19.21 9.93
C LEU E 108 -3.10 18.89 8.68
N MET E 109 -4.41 18.70 8.84
CA MET E 109 -5.27 18.46 7.69
C MET E 109 -5.43 19.70 6.83
N LYS E 110 -5.64 20.86 7.48
CA LYS E 110 -5.94 22.08 6.74
C LYS E 110 -4.72 22.60 5.98
N HIS E 111 -3.57 22.69 6.66
CA HIS E 111 -2.41 23.37 6.10
C HIS E 111 -1.39 22.43 5.46
N THR E 112 -1.12 21.27 6.05
CA THR E 112 -0.15 20.34 5.50
C THR E 112 -0.75 19.37 4.50
N ARG E 113 -2.06 19.44 4.25
CA ARG E 113 -2.75 18.67 3.22
C ARG E 113 -2.73 17.16 3.47
N MET E 114 -2.51 16.75 4.71
CA MET E 114 -2.55 15.34 5.04
C MET E 114 -4.00 14.87 5.17
N THR E 115 -4.21 13.58 4.95
CA THR E 115 -5.52 13.01 5.20
C THR E 115 -5.76 12.88 6.70
N MET E 116 -7.03 12.72 7.08
CA MET E 116 -7.39 12.59 8.48
C MET E 116 -6.68 11.40 9.12
N THR E 117 -6.65 10.26 8.42
CA THR E 117 -5.98 9.08 8.94
C THR E 117 -4.48 9.32 9.10
N ASP E 118 -3.83 9.84 8.06
CA ASP E 118 -2.39 10.09 8.13
C ASP E 118 -2.07 11.10 9.22
N ALA E 119 -2.92 12.11 9.40
CA ALA E 119 -2.67 13.12 10.41
C ALA E 119 -2.69 12.53 11.82
N TYR E 120 -3.62 11.61 12.08
CA TYR E 120 -3.64 10.94 13.39
C TYR E 120 -2.38 10.11 13.60
N LYS E 121 -1.99 9.34 12.58
CA LYS E 121 -0.79 8.52 12.67
C LYS E 121 0.46 9.38 12.89
N PHE E 122 0.51 10.57 12.27
CA PHE E 122 1.64 11.46 12.47
C PHE E 122 1.74 11.89 13.92
N VAL E 123 0.62 12.33 14.49
CA VAL E 123 0.61 12.73 15.89
C VAL E 123 0.82 11.53 16.79
N LYS E 124 0.15 10.40 16.49
CA LYS E 124 0.30 9.19 17.30
C LYS E 124 1.75 8.70 17.31
N GLY E 125 2.49 8.94 16.23
CA GLY E 125 3.88 8.52 16.20
C GLY E 125 4.78 9.32 17.14
N LYS E 126 4.47 10.60 17.33
CA LYS E 126 5.26 11.44 18.21
C LYS E 126 4.70 11.49 19.63
N ARG E 127 3.38 11.36 19.79
CA ARG E 127 2.73 11.34 21.09
C ARG E 127 2.04 9.99 21.26
N PRO E 128 2.68 9.03 21.92
CA PRO E 128 2.15 7.65 21.88
C PRO E 128 0.82 7.47 22.57
N ILE E 129 0.51 8.24 23.60
CA ILE E 129 -0.71 8.06 24.39
C ILE E 129 -1.70 9.15 23.99
N ILE E 130 -2.78 8.75 23.31
CA ILE E 130 -3.88 9.64 22.95
C ILE E 130 -5.17 8.92 23.29
N SER E 131 -5.96 9.49 24.20
CA SER E 131 -7.18 8.84 24.63
C SER E 131 -8.26 8.95 23.56
N PRO E 132 -9.09 7.92 23.39
CA PRO E 132 -10.10 7.95 22.33
C PRO E 132 -11.32 8.78 22.71
N ASN E 133 -11.89 9.43 21.70
CA ASN E 133 -13.14 10.18 21.86
C ASN E 133 -13.88 10.10 20.52
N LEU E 134 -14.90 9.25 20.46
CA LEU E 134 -15.63 9.04 19.21
C LEU E 134 -16.31 10.33 18.74
N ASN E 135 -16.73 11.18 19.67
CA ASN E 135 -17.35 12.44 19.27
C ASN E 135 -16.38 13.33 18.51
N PHE E 136 -15.14 13.42 18.98
CA PHE E 136 -14.16 14.26 18.30
C PHE E 136 -13.76 13.69 16.95
N MET E 137 -13.68 12.36 16.85
CA MET E 137 -13.38 11.73 15.57
C MET E 137 -14.44 12.06 14.52
N GLY E 138 -15.71 12.03 14.91
CA GLY E 138 -16.77 12.37 13.98
C GLY E 138 -16.65 13.79 13.45
N GLN E 139 -16.22 14.73 14.29
CA GLN E 139 -16.07 16.11 13.86
C GLN E 139 -14.91 16.25 12.88
N LEU E 140 -13.81 15.51 13.11
CA LEU E 140 -12.70 15.52 12.17
C LEU E 140 -13.12 14.91 10.84
N LEU E 141 -13.97 13.88 10.88
CA LEU E 141 -14.43 13.25 9.64
C LEU E 141 -15.24 14.22 8.79
N GLU E 142 -16.17 14.95 9.40
CA GLU E 142 -16.91 15.96 8.65
C GLU E 142 -16.00 17.09 8.19
N PHE E 143 -14.95 17.38 8.96
CA PHE E 143 -14.02 18.44 8.58
C PHE E 143 -13.24 18.05 7.32
N GLU E 144 -12.91 16.76 7.18
CA GLU E 144 -12.26 16.30 5.96
C GLU E 144 -13.18 16.44 4.75
N GLU E 145 -14.49 16.17 4.94
CA GLU E 145 -15.45 16.40 3.87
C GLU E 145 -15.51 17.88 3.47
N ASP E 146 -15.50 18.78 4.46
CA ASP E 146 -15.61 20.19 4.14
C ASP E 146 -14.35 20.71 3.47
N LEU E 147 -13.18 20.16 3.83
CA LEU E 147 -11.95 20.56 3.16
C LEU E 147 -11.93 20.09 1.71
N ASN E 148 -12.35 18.84 1.46
CA ASN E 148 -12.30 18.29 0.11
C ASN E 148 -13.30 18.96 -0.82
N ASN E 149 -14.44 19.41 -0.29
CA ASN E 149 -15.47 20.05 -1.10
C ASN E 149 -15.37 21.56 -1.11
N GLY E 150 -14.35 22.13 -0.48
CA GLY E 150 -14.19 23.58 -0.42
C GLY E 150 -15.25 24.25 0.42
N ALA F 5 12.77 16.05 11.88
CA ALA F 5 12.92 16.18 10.43
C ALA F 5 11.86 17.13 9.87
N GLU F 6 12.11 17.65 8.67
CA GLU F 6 11.20 18.63 8.08
C GLU F 6 11.28 18.53 6.57
N LEU F 7 10.18 18.12 5.94
CA LEU F 7 10.02 18.16 4.49
C LEU F 7 9.25 19.44 4.17
N THR F 8 9.94 20.40 3.56
CA THR F 8 9.33 21.71 3.32
C THR F 8 8.51 21.70 2.04
N PRO F 9 7.20 21.95 2.11
CA PRO F 9 6.38 22.01 0.90
C PRO F 9 6.47 23.36 0.21
N ILE F 10 7.15 23.39 -0.94
CA ILE F 10 7.20 24.61 -1.73
C ILE F 10 5.87 24.84 -2.43
N LEU F 11 5.36 23.81 -3.10
CA LEU F 11 4.03 23.76 -3.67
C LEU F 11 3.29 22.58 -3.07
N PRO F 12 1.95 22.53 -3.20
CA PRO F 12 1.19 21.42 -2.58
C PRO F 12 1.69 20.03 -2.95
N PHE F 13 2.41 19.91 -4.06
CA PHE F 13 2.92 18.63 -4.52
C PHE F 13 4.44 18.55 -4.59
N LEU F 14 5.16 19.62 -4.26
CA LEU F 14 6.61 19.67 -4.41
C LEU F 14 7.26 19.96 -3.06
N PHE F 15 8.15 19.07 -2.63
CA PHE F 15 8.76 19.16 -1.31
C PHE F 15 10.28 19.26 -1.42
N LEU F 16 10.88 20.03 -0.53
CA LEU F 16 12.31 20.28 -0.50
C LEU F 16 12.89 19.83 0.84
N GLY F 17 14.06 19.20 0.80
CA GLY F 17 14.68 18.72 2.02
C GLY F 17 16.15 18.40 1.81
N ASN F 18 16.79 17.98 2.90
CA ASN F 18 18.19 17.59 2.87
C ASN F 18 18.34 16.08 3.10
N GLU F 19 19.57 15.64 3.36
CA GLU F 19 19.85 14.21 3.50
C GLU F 19 19.08 13.60 4.66
N GLN F 20 19.07 14.27 5.82
CA GLN F 20 18.37 13.72 6.97
C GLN F 20 16.86 13.71 6.75
N ASP F 21 16.33 14.69 6.02
CA ASP F 21 14.90 14.73 5.76
C ASP F 21 14.45 13.58 4.86
N ALA F 22 15.30 13.17 3.91
CA ALA F 22 14.92 12.12 2.97
C ALA F 22 14.91 10.73 3.60
N GLN F 23 15.40 10.57 4.82
CA GLN F 23 15.44 9.28 5.48
C GLN F 23 14.22 9.01 6.36
N ASP F 24 13.29 9.96 6.45
CA ASP F 24 12.06 9.78 7.22
C ASP F 24 11.04 9.16 6.29
N LEU F 25 11.01 7.82 6.26
CA LEU F 25 10.12 7.11 5.35
C LEU F 25 8.66 7.30 5.73
N ASP F 26 8.36 7.32 7.03
CA ASP F 26 6.98 7.42 7.47
C ASP F 26 6.34 8.73 7.05
N THR F 27 7.08 9.84 7.22
CA THR F 27 6.52 11.16 6.87
C THR F 27 6.26 11.26 5.37
N MET F 28 7.14 10.66 4.56
CA MET F 28 6.95 10.71 3.11
C MET F 28 5.64 10.03 2.71
N GLN F 29 5.29 8.92 3.37
CA GLN F 29 4.04 8.26 3.06
C GLN F 29 2.85 9.03 3.61
N ARG F 30 3.03 9.75 4.72
CA ARG F 30 1.96 10.60 5.24
C ARG F 30 1.62 11.71 4.25
N LEU F 31 2.62 12.25 3.57
CA LEU F 31 2.46 13.33 2.62
C LEU F 31 2.13 12.85 1.21
N ASN F 32 1.94 11.55 1.01
CA ASN F 32 1.56 10.99 -0.28
C ASN F 32 2.61 11.30 -1.35
N ILE F 33 3.87 11.11 -1.00
CA ILE F 33 4.98 11.32 -1.93
C ILE F 33 5.27 10.02 -2.65
N GLY F 34 5.39 10.09 -3.97
CA GLY F 34 5.67 8.91 -4.77
C GLY F 34 6.84 9.06 -5.71
N TYR F 35 7.41 10.26 -5.77
CA TYR F 35 8.53 10.58 -6.66
C TYR F 35 9.63 11.24 -5.86
N VAL F 36 10.88 10.87 -6.16
CA VAL F 36 12.05 11.37 -5.45
C VAL F 36 13.13 11.77 -6.46
N ILE F 37 13.70 12.95 -6.30
CA ILE F 37 14.84 13.42 -7.09
C ILE F 37 16.03 13.59 -6.16
N ASN F 38 17.10 12.84 -6.41
CA ASN F 38 18.32 12.88 -5.62
C ASN F 38 19.36 13.65 -6.41
N VAL F 39 19.75 14.83 -5.92
CA VAL F 39 20.67 15.69 -6.64
C VAL F 39 22.07 15.55 -6.05
N THR F 40 22.52 14.30 -5.90
CA THR F 40 23.86 14.02 -5.40
C THR F 40 24.46 12.87 -6.22
N THR F 41 25.79 12.75 -6.13
CA THR F 41 26.50 11.64 -6.77
C THR F 41 26.68 10.45 -5.84
N HIS F 42 26.82 10.70 -4.54
CA HIS F 42 27.27 9.70 -3.60
C HIS F 42 26.21 9.20 -2.64
N LEU F 43 25.13 9.95 -2.43
CA LEU F 43 24.09 9.49 -1.52
C LEU F 43 23.31 8.35 -2.16
N PRO F 44 22.86 7.39 -1.34
CA PRO F 44 22.04 6.30 -1.87
C PRO F 44 20.62 6.75 -2.18
N LEU F 45 19.94 5.96 -3.00
CA LEU F 45 18.52 6.15 -3.23
C LEU F 45 17.79 5.53 -2.05
N TYR F 46 17.43 6.35 -1.08
CA TYR F 46 16.86 5.86 0.16
C TYR F 46 15.54 5.12 -0.09
N HIS F 47 15.39 3.98 0.57
CA HIS F 47 14.19 3.14 0.49
C HIS F 47 13.98 2.55 -0.90
N TYR F 48 15.06 2.39 -1.66
CA TYR F 48 14.95 1.80 -3.00
C TYR F 48 14.48 0.36 -2.92
N GLU F 49 14.97 -0.39 -1.93
CA GLU F 49 14.66 -1.81 -1.78
C GLU F 49 13.19 -2.06 -1.43
N LYS F 50 12.45 -1.03 -1.02
CA LYS F 50 11.04 -1.20 -0.68
C LYS F 50 10.10 -1.08 -1.87
N GLY F 51 10.57 -0.57 -3.00
CA GLY F 51 9.72 -0.49 -4.18
C GLY F 51 8.55 0.47 -4.05
N LEU F 52 8.71 1.55 -3.28
CA LEU F 52 7.62 2.46 -3.00
C LEU F 52 7.61 3.70 -3.88
N PHE F 53 8.77 4.14 -4.37
CA PHE F 53 8.86 5.41 -5.07
C PHE F 53 9.55 5.22 -6.42
N ASN F 54 9.26 6.17 -7.31
CA ASN F 54 9.97 6.28 -8.58
C ASN F 54 11.11 7.28 -8.42
N TYR F 55 12.32 6.86 -8.78
CA TYR F 55 13.51 7.63 -8.52
C TYR F 55 14.09 8.23 -9.80
N LYS F 56 14.73 9.39 -9.63
CA LYS F 56 15.55 10.00 -10.66
C LYS F 56 16.74 10.65 -9.98
N ARG F 57 17.95 10.35 -10.47
CA ARG F 57 19.17 10.89 -9.88
C ARG F 57 19.78 11.92 -10.81
N LEU F 58 20.02 13.12 -10.28
CA LEU F 58 20.77 14.15 -10.99
C LEU F 58 22.17 14.21 -10.40
N PRO F 59 23.16 13.54 -10.99
CA PRO F 59 24.48 13.41 -10.34
C PRO F 59 25.29 14.70 -10.35
N ALA F 60 25.12 15.52 -9.31
CA ALA F 60 25.78 16.80 -9.22
C ALA F 60 26.52 16.91 -7.89
N THR F 61 27.51 17.79 -7.86
CA THR F 61 28.27 18.10 -6.66
C THR F 61 28.03 19.57 -6.28
N ASP F 62 28.35 19.89 -5.03
CA ASP F 62 28.18 21.25 -4.52
C ASP F 62 29.50 22.01 -4.68
N SER F 63 29.81 22.31 -5.94
CA SER F 63 31.05 22.97 -6.30
C SER F 63 30.75 24.23 -7.12
N ASN F 64 31.78 25.04 -7.33
CA ASN F 64 31.66 26.26 -8.10
C ASN F 64 31.75 26.03 -9.60
N LYS F 65 31.88 24.78 -10.04
CA LYS F 65 31.94 24.45 -11.46
C LYS F 65 30.78 23.58 -11.91
N GLN F 66 29.97 23.06 -11.00
CA GLN F 66 28.90 22.13 -11.37
C GLN F 66 27.86 22.81 -12.25
N ASN F 67 27.46 22.10 -13.30
CA ASN F 67 26.41 22.55 -14.20
C ASN F 67 25.09 21.91 -13.77
N LEU F 68 24.14 22.74 -13.35
CA LEU F 68 22.81 22.28 -13.00
C LEU F 68 21.77 22.59 -14.08
N ARG F 69 22.02 23.58 -14.93
CA ARG F 69 21.09 23.91 -16.01
C ARG F 69 20.80 22.70 -16.89
N GLN F 70 21.78 21.83 -17.10
CA GLN F 70 21.58 20.68 -17.97
C GLN F 70 20.49 19.74 -17.43
N TYR F 71 20.30 19.70 -16.13
CA TYR F 71 19.31 18.84 -15.50
C TYR F 71 17.95 19.51 -15.31
N PHE F 72 17.80 20.77 -15.74
CA PHE F 72 16.57 21.51 -15.50
C PHE F 72 15.39 20.85 -16.21
N GLU F 73 15.50 20.68 -17.52
CA GLU F 73 14.37 20.17 -18.30
C GLU F 73 13.99 18.75 -17.87
N GLU F 74 15.00 17.91 -17.58
CA GLU F 74 14.72 16.55 -17.14
C GLU F 74 14.01 16.54 -15.79
N ALA F 75 14.39 17.45 -14.90
CA ALA F 75 13.76 17.50 -13.58
C ALA F 75 12.35 18.06 -13.66
N PHE F 76 12.10 19.01 -14.56
CA PHE F 76 10.77 19.59 -14.69
C PHE F 76 9.76 18.55 -15.17
N GLU F 77 10.17 17.67 -16.08
CA GLU F 77 9.28 16.63 -16.58
C GLU F 77 8.93 15.64 -15.47
N PHE F 78 9.89 15.33 -14.60
CA PHE F 78 9.61 14.43 -13.48
C PHE F 78 8.66 15.08 -12.49
N ILE F 79 8.83 16.38 -12.24
CA ILE F 79 7.93 17.10 -11.34
C ILE F 79 6.54 17.21 -11.97
N GLU F 80 6.48 17.55 -13.25
CA GLU F 80 5.20 17.64 -13.95
C GLU F 80 4.48 16.29 -13.97
N GLU F 81 5.23 15.19 -14.06
CA GLU F 81 4.62 13.87 -14.03
C GLU F 81 3.97 13.57 -12.68
N ALA F 82 4.65 13.92 -11.58
CA ALA F 82 4.08 13.67 -10.26
C ALA F 82 2.80 14.46 -10.04
N HIS F 83 2.77 15.73 -10.47
CA HIS F 83 1.57 16.53 -10.31
C HIS F 83 0.40 15.93 -11.09
N GLN F 84 0.64 15.57 -12.35
CA GLN F 84 -0.44 15.14 -13.24
C GLN F 84 -1.00 13.76 -12.88
N CYS F 85 -0.45 13.09 -11.87
CA CYS F 85 -1.02 11.82 -11.40
C CYS F 85 -1.29 11.84 -9.89
N GLY F 86 -1.37 13.03 -9.29
CA GLY F 86 -1.86 13.16 -7.92
C GLY F 86 -0.91 12.71 -6.84
N LYS F 87 0.39 12.63 -7.13
CA LYS F 87 1.39 12.26 -6.13
C LYS F 87 2.34 13.42 -5.88
N GLY F 88 2.95 13.40 -4.69
CA GLY F 88 3.93 14.40 -4.34
C GLY F 88 5.33 13.99 -4.76
N LEU F 89 6.18 14.99 -5.00
CA LEU F 89 7.57 14.76 -5.37
C LEU F 89 8.47 15.45 -4.37
N LEU F 90 9.48 14.73 -3.88
CA LEU F 90 10.50 15.28 -3.00
C LEU F 90 11.81 15.39 -3.76
N ILE F 91 12.42 16.57 -3.72
CA ILE F 91 13.74 16.81 -4.29
C ILE F 91 14.67 17.21 -3.14
N HIS F 92 15.82 16.56 -3.06
CA HIS F 92 16.71 16.74 -1.92
C HIS F 92 18.15 16.61 -2.38
N CYS F 93 19.05 17.16 -1.57
CA CYS F 93 20.48 16.93 -1.74
C CYS F 93 21.16 16.79 -0.39
N GLN F 94 21.92 17.81 0.03
CA GLN F 94 22.60 17.75 1.33
C GLN F 94 22.25 18.94 2.22
N ALA F 95 23.07 19.18 3.24
CA ALA F 95 22.67 20.01 4.37
C ALA F 95 22.22 21.40 3.94
N GLY F 96 22.93 22.02 3.01
CA GLY F 96 22.63 23.37 2.62
C GLY F 96 21.53 23.55 1.61
N VAL F 97 20.95 22.44 1.12
CA VAL F 97 19.96 22.39 0.04
C VAL F 97 20.31 23.35 -1.09
N SER F 98 21.61 23.57 -1.31
CA SER F 98 22.04 24.46 -2.40
C SER F 98 21.61 23.92 -3.75
N ARG F 99 21.92 22.65 -4.03
CA ARG F 99 21.60 22.07 -5.33
C ARG F 99 20.08 21.95 -5.53
N SER F 100 19.39 21.39 -4.53
CA SER F 100 17.96 21.10 -4.70
C SER F 100 17.12 22.36 -4.76
N ALA F 101 17.47 23.38 -3.96
CA ALA F 101 16.72 24.63 -4.00
C ALA F 101 16.89 25.34 -5.34
N THR F 102 18.06 25.20 -5.98
CA THR F 102 18.27 25.80 -7.29
C THR F 102 17.29 25.24 -8.31
N ILE F 103 17.08 23.92 -8.30
CA ILE F 103 16.14 23.31 -9.22
C ILE F 103 14.72 23.79 -8.96
N VAL F 104 14.34 23.86 -7.67
CA VAL F 104 12.99 24.32 -7.31
C VAL F 104 12.77 25.76 -7.77
N ILE F 105 13.75 26.63 -7.51
CA ILE F 105 13.65 28.02 -7.96
C ILE F 105 13.51 28.08 -9.47
N ALA F 106 14.27 27.24 -10.18
CA ALA F 106 14.15 27.19 -11.64
C ALA F 106 12.76 26.76 -12.07
N TYR F 107 12.16 25.81 -11.34
CA TYR F 107 10.82 25.35 -11.69
C TYR F 107 9.79 26.47 -11.51
N LEU F 108 9.89 27.23 -10.43
CA LEU F 108 8.95 28.33 -10.19
C LEU F 108 9.09 29.41 -11.24
N MET F 109 10.30 29.61 -11.78
CA MET F 109 10.49 30.59 -12.85
C MET F 109 9.84 30.11 -14.14
N LYS F 110 10.04 28.84 -14.49
CA LYS F 110 9.54 28.33 -15.76
C LYS F 110 8.02 28.18 -15.76
N HIS F 111 7.47 27.57 -14.71
CA HIS F 111 6.07 27.17 -14.70
C HIS F 111 5.16 28.13 -13.96
N THR F 112 5.58 28.67 -12.83
CA THR F 112 4.77 29.62 -12.08
C THR F 112 4.97 31.06 -12.55
N ARG F 113 5.84 31.28 -13.54
CA ARG F 113 6.03 32.58 -14.18
C ARG F 113 6.59 33.64 -13.24
N MET F 114 7.21 33.21 -12.14
CA MET F 114 7.82 34.15 -11.21
C MET F 114 9.18 34.61 -11.73
N THR F 115 9.58 35.79 -11.29
CA THR F 115 10.93 36.26 -11.59
C THR F 115 11.93 35.52 -10.70
N MET F 116 13.20 35.60 -11.11
CA MET F 116 14.26 34.95 -10.33
C MET F 116 14.29 35.48 -8.91
N THR F 117 14.14 36.80 -8.76
CA THR F 117 14.11 37.41 -7.43
C THR F 117 12.91 36.93 -6.62
N ASP F 118 11.72 37.01 -7.19
CA ASP F 118 10.52 36.59 -6.47
C ASP F 118 10.56 35.11 -6.13
N ALA F 119 11.08 34.28 -7.04
CA ALA F 119 11.15 32.85 -6.79
C ALA F 119 12.06 32.53 -5.63
N TYR F 120 13.19 33.24 -5.51
CA TYR F 120 14.08 33.02 -4.37
C TYR F 120 13.40 33.42 -3.07
N LYS F 121 12.72 34.57 -3.04
CA LYS F 121 12.01 34.99 -1.83
C LYS F 121 10.97 33.94 -1.42
N PHE F 122 10.29 33.35 -2.40
CA PHE F 122 9.26 32.35 -2.11
C PHE F 122 9.87 31.12 -1.44
N VAL F 123 10.93 30.57 -2.03
CA VAL F 123 11.57 29.38 -1.46
C VAL F 123 12.26 29.72 -0.15
N LYS F 124 12.98 30.85 -0.11
CA LYS F 124 13.67 31.25 1.12
C LYS F 124 12.69 31.47 2.27
N GLY F 125 11.46 31.88 1.96
CA GLY F 125 10.47 32.09 3.01
C GLY F 125 10.01 30.81 3.66
N LYS F 126 9.95 29.72 2.91
CA LYS F 126 9.53 28.44 3.44
C LYS F 126 10.70 27.59 3.94
N ARG F 127 11.87 27.74 3.34
CA ARG F 127 13.08 27.03 3.76
C ARG F 127 14.10 28.05 4.24
N PRO F 128 14.20 28.31 5.55
CA PRO F 128 15.00 29.46 6.00
C PRO F 128 16.48 29.33 5.75
N ILE F 129 17.03 28.13 5.76
CA ILE F 129 18.47 27.92 5.61
C ILE F 129 18.74 27.39 4.21
N ILE F 130 19.38 28.23 3.40
CA ILE F 130 19.81 27.85 2.05
C ILE F 130 21.25 28.32 1.89
N SER F 131 22.16 27.38 1.67
CA SER F 131 23.57 27.73 1.57
C SER F 131 23.85 28.43 0.23
N PRO F 132 24.74 29.41 0.22
CA PRO F 132 24.98 30.17 -1.01
C PRO F 132 25.87 29.45 -2.00
N ASN F 133 25.58 29.69 -3.28
CA ASN F 133 26.41 29.18 -4.37
C ASN F 133 26.33 30.19 -5.51
N LEU F 134 27.39 31.00 -5.66
CA LEU F 134 27.40 32.02 -6.70
C LEU F 134 27.32 31.41 -8.09
N ASN F 135 27.87 30.21 -8.27
CA ASN F 135 27.80 29.55 -9.56
C ASN F 135 26.36 29.25 -9.95
N PHE F 136 25.55 28.77 -9.01
CA PHE F 136 24.16 28.46 -9.31
C PHE F 136 23.35 29.72 -9.58
N MET F 137 23.64 30.80 -8.85
CA MET F 137 22.97 32.08 -9.11
C MET F 137 23.21 32.55 -10.53
N GLY F 138 24.45 32.45 -11.01
CA GLY F 138 24.73 32.84 -12.38
C GLY F 138 23.94 32.03 -13.38
N GLN F 139 23.74 30.74 -13.10
CA GLN F 139 22.96 29.89 -13.98
C GLN F 139 21.49 30.27 -13.96
N LEU F 140 20.96 30.60 -12.78
CA LEU F 140 19.57 31.06 -12.70
C LEU F 140 19.38 32.40 -13.40
N LEU F 141 20.36 33.30 -13.29
CA LEU F 141 20.27 34.59 -13.99
C LEU F 141 20.29 34.37 -15.49
N GLU F 142 21.17 33.50 -15.97
CA GLU F 142 21.19 33.16 -17.39
C GLU F 142 19.92 32.44 -17.81
N PHE F 143 19.31 31.68 -16.90
CA PHE F 143 18.06 31.00 -17.20
C PHE F 143 16.91 31.99 -17.35
N GLU F 144 16.92 33.05 -16.54
CA GLU F 144 15.91 34.10 -16.67
C GLU F 144 16.05 34.84 -18.00
N GLU F 145 17.30 35.03 -18.45
CA GLU F 145 17.53 35.67 -19.75
C GLU F 145 16.91 34.85 -20.88
N ASP F 146 17.05 33.53 -20.83
CA ASP F 146 16.53 32.69 -21.91
C ASP F 146 15.00 32.62 -21.89
N LEU F 147 14.40 32.68 -20.71
CA LEU F 147 12.94 32.65 -20.63
C LEU F 147 12.31 33.89 -21.26
N ASN F 148 12.89 35.07 -20.99
CA ASN F 148 12.33 36.31 -21.51
C ASN F 148 12.49 36.39 -23.03
N ASN F 149 13.50 35.74 -23.58
CA ASN F 149 13.78 35.79 -25.02
C ASN F 149 13.10 34.66 -25.78
N GLY F 150 12.29 33.84 -25.12
CA GLY F 150 11.67 32.72 -25.80
C GLY F 150 12.63 31.64 -26.21
N VAL F 151 13.80 31.57 -25.58
CA VAL F 151 14.81 30.58 -25.90
C VAL F 151 14.75 29.43 -24.90
C13 NV3 G . -15.87 8.65 13.19
C15 NV3 G . -14.37 7.17 11.61
C17 NV3 G . -12.98 5.72 10.18
C20 NV3 G . -14.83 4.80 11.42
C21 NV3 G . -15.14 6.06 11.95
C22 NV3 G . -16.28 6.15 12.86
C01 NV3 G . -15.39 0.04 12.40
C02 NV3 G . -16.92 0.13 12.46
C03 NV3 G . -17.47 0.36 11.07
C04 NV3 G . -17.45 -1.18 13.03
C05 NV3 G . -17.39 1.28 13.34
C07 NV3 G . -18.61 2.13 13.05
C09 NV3 G . -18.05 5.07 13.95
C11 NV3 G . -17.76 7.34 14.31
C12 NV3 G . -16.63 7.37 13.45
C14 NV3 G . -14.69 8.54 12.18
C16 NV3 G . -13.29 6.99 10.72
C18 NV3 G . -13.76 4.65 10.55
N10 NV3 G . -18.46 6.20 14.56
N23 NV3 G . -16.99 5.00 13.10
O06 NV3 G . -16.73 1.54 14.35
S08 NV3 G . -18.96 3.52 14.24
CL1 NV3 G . -13.41 3.06 9.91
C13 NV3 H . -8.52 -9.79 -18.20
C15 NV3 H . -6.33 -11.06 -18.82
C17 NV3 H . -4.17 -12.10 -19.27
C20 NV3 H . -5.14 -12.24 -17.08
C21 NV3 H . -6.24 -11.49 -17.51
C22 NV3 H . -7.28 -11.23 -16.56
C01 NV3 H . -2.96 -13.05 -11.25
C02 NV3 H . -3.85 -13.62 -12.30
C03 NV3 H . -3.17 -13.51 -13.62
C04 NV3 H . -4.11 -15.05 -11.99
C05 NV3 H . -5.16 -12.88 -12.40
C07 NV3 H . -6.48 -13.51 -12.79
C09 NV3 H . -8.10 -11.61 -14.46
C11 NV3 H . -9.33 -10.27 -15.87
C12 NV3 H . -8.37 -10.44 -16.88
C14 NV3 H . -7.52 -10.27 -19.27
C16 NV3 H . -5.28 -11.37 -19.70
C18 NV3 H . -4.13 -12.52 -17.98
N10 NV3 H . -9.19 -10.86 -14.65
N23 NV3 H . -7.15 -11.83 -15.36
O06 NV3 H . -5.15 -11.67 -12.13
S08 NV3 H . -7.89 -12.39 -12.91
CL1 NV3 H . -2.80 -13.41 -17.42
C13 NV3 I . 30.19 -28.66 25.67
C15 NV3 I . 30.57 -26.53 24.17
C17 NV3 I . 30.77 -24.38 22.98
C20 NV3 I . 28.68 -25.61 22.94
C21 NV3 I . 29.25 -26.62 23.75
C22 NV3 I . 28.40 -27.75 24.10
C01 NV3 I . 25.06 -24.56 20.70
C02 NV3 I . 24.41 -25.78 20.03
C03 NV3 I . 22.90 -25.57 19.95
C04 NV3 I . 24.98 -25.94 18.62
C05 NV3 I . 24.64 -27.06 20.82
C07 NV3 I . 24.16 -27.30 22.23
C09 NV3 I . 26.35 -28.85 23.85
C11 NV3 I . 27.92 -29.77 25.29
C12 NV3 I . 28.83 -28.73 25.01
C14 NV3 I . 31.17 -27.62 25.04
C16 NV3 I . 31.32 -25.39 23.78
C18 NV3 I . 29.46 -24.52 22.57
N10 NV3 I . 26.68 -29.84 24.72
N23 NV3 I . 27.16 -27.81 23.53
O06 NV3 I . 25.26 -27.97 20.24
S08 NV3 I . 24.72 -28.89 23.05
CL1 NV3 I . 28.71 -23.29 21.58
C13 NV3 J . -0.98 -6.08 -17.09
C15 NV3 J . -2.67 -6.52 -19.07
C17 NV3 J . -4.15 -6.78 -21.02
C20 NV3 J . -4.16 -4.72 -19.75
C21 NV3 J . -3.18 -5.23 -18.88
C22 NV3 J . -2.72 -4.37 -17.80
C01 NV3 J . -8.24 -1.81 -19.19
C02 NV3 J . -7.29 -0.60 -19.05
C03 NV3 J . -6.49 -0.43 -20.34
C04 NV3 J . -8.13 0.64 -18.78
C05 NV3 J . -6.29 -0.78 -17.92
C07 NV3 J . -4.89 -0.25 -17.92
C09 NV3 J . -2.95 -2.33 -16.65
C11 NV3 J . -1.32 -3.85 -15.93
C12 NV3 J . -1.68 -4.76 -16.94
C14 NV3 J . -1.61 -7.06 -18.13
C16 NV3 J . -3.16 -7.28 -20.14
C18 NV3 J . -4.62 -5.50 -20.80
N10 NV3 J . -1.95 -2.63 -15.78
N23 NV3 J . -3.36 -3.15 -17.65
O06 NV3 J . -6.68 -1.43 -16.92
S08 NV3 J . -3.79 -0.74 -16.47
CL1 NV3 J . -5.84 -4.84 -21.86
C13 NV3 K . -8.45 4.01 14.82
C15 NV3 K . -8.74 6.30 13.57
C17 NV3 K . -8.75 8.47 12.40
C20 NV3 K . -8.34 8.37 14.79
C21 NV3 K . -8.47 6.96 14.76
C22 NV3 K . -8.31 6.24 16.02
C01 NV3 K . -10.04 11.98 18.29
C02 NV3 K . -8.72 11.49 18.90
C03 NV3 K . -7.59 11.73 17.92
C04 NV3 K . -8.48 12.28 20.20
C05 NV3 K . -8.75 10.01 19.22
C07 NV3 K . -7.53 9.18 19.54
C09 NV3 K . -8.00 6.33 18.35
C11 NV3 K . -8.13 4.25 17.33
C12 NV3 K . -8.30 4.84 16.06
C14 NV3 K . -8.88 4.79 13.54
C16 NV3 K . -8.88 7.07 12.38
C18 NV3 K . -8.49 9.09 13.61
N10 NV3 K . -7.98 4.99 18.47
N23 NV3 K . -8.16 6.99 17.16
O06 NV3 K . -9.86 9.44 19.21
S08 NV3 K . -7.81 7.35 19.84
CL1 NV3 K . -8.32 10.83 13.68
C13 NV3 L . 20.35 37.83 -2.15
C15 NV3 L . 19.44 36.86 -4.43
C17 NV3 L . 18.39 35.88 -6.41
C20 NV3 L . 19.43 34.45 -4.75
C21 NV3 L . 19.78 35.59 -3.99
C22 NV3 L . 20.50 35.36 -2.72
C01 NV3 L . 21.36 29.94 -5.65
C02 NV3 L . 20.88 29.65 -4.22
C03 NV3 L . 19.41 30.06 -4.09
C04 NV3 L . 21.03 28.14 -3.96
C05 NV3 L . 21.66 30.42 -3.18
C07 NV3 L . 21.13 30.80 -1.82
C09 NV3 L . 21.55 33.86 -1.26
C11 NV3 L . 21.46 36.09 -0.67
C12 NV3 L . 20.77 36.42 -1.86
C14 NV3 L . 19.82 38.09 -3.59
C16 NV3 L . 18.74 37.00 -5.65
C18 NV3 L . 18.74 34.63 -5.96
N10 NV3 L . 21.86 34.82 -0.36
N23 NV3 L . 20.89 34.07 -2.44
O06 NV3 L . 22.83 30.76 -3.47
S08 NV3 L . 22.06 32.14 -0.90
CL1 NV3 L . 18.32 33.20 -6.88
#